data_9GK6
#
_entry.id   9GK6
#
_cell.length_a   112.728
_cell.length_b   140.610
_cell.length_c   57.542
_cell.angle_alpha   90.00
_cell.angle_beta   90.00
_cell.angle_gamma   90.00
#
_symmetry.space_group_name_H-M   'P 21 21 2'
#
loop_
_entity.id
_entity.type
_entity.pdbx_description
1 polymer 'Endoplasmic reticulum aminopeptidase 1'
2 non-polymer 'ZINC ION'
3 non-polymer D-MALATE
4 non-polymer 1,2-ETHANEDIOL
5 non-polymer '1-[2-(6-chloranyl-3-oxidanylidene-1,4-benzothiazin-4-yl)ethanoylamino]cyclohexane-1-carboxylic acid'
6 water water
#
_entity_poly.entity_id   1
_entity_poly.type   'polypeptide(L)'
_entity_poly.pdbx_seq_one_letter_code
;MVFLPLKWSLATMSFLLSSLLALLTVSTPSWCQSTEASPKRSDGTPFPWNKIRLPEYVIPVHYDLLIHAQLTTLTFWGTT
KVEITASQPTSTIILHSHHLQISRATLRKGAGERLSEEPLQVLEHPRQEQIALLAPEPLLVGLPYTVVIHYAGQLSETFH
GFYKSTYRTKEGELRILASTQFEPTAARMAFPCFDEPAFKASFSIKIRREPRHLAISNMPLVKSVTVAEGLIEDHFDVTV
KMSTYLVAFIISDFESVSKITKSGVKVSVYAVPDKINQADYALDAAVTLLEFYEDYFSIPYPLPKQDLAAIPDFQSGAME
NWGLTTYRESALLFDAEKSSASSKLGITMTVAHELAHQWFGNLVTMEWWNDLWLNEGFAKFMEFVSVSVTHPELKVGDYF
FGKCFDAMEVDALQSSHPVSTPVENPAQIREMFDDVSYDKGACILNMLREYLSADAFKSGIVQYLQKHSYKNTKNEDLWD
SMASIGSGGVDVKTMMNTWTLQRGFPLITITVRGRNVHMKQEHYMKGSDGAPDTGYLWHVPLTFITSKSDMVHRFLLKTK
TDVLILPEEVEWIKFNVGMNGYYIVHYEDDGWDSLTGLLKGTHTAVSSNDRASLINNAFQLVSIGKLSIEKALDLSLYLK
HETEIMPVFQGLNELIPMYKLMEKRDMNEVETQFKAFLIRLLRDLIDKQTWTDEGSVSERMLRSQLLLLACVHNYQPCVQ
RAEGYFRKWKESNGQLSLPVDVTLAVFAVGAQSTEGWDFLYSKYQFSLSSTEKSQIEFALCRTQNKEKLQWLLDESFKGD
KIKTQEFPQILTLIGRNPVGYPLAWQFLRKNWNKLVQKFELGSSSIAHMVMGTTNQFSTRTRLEEVKGFFSSLKENGSQL
RCVQQTIETIEENIGWMDKNFDKIRVWLQSEKLERMENLYFQ
;
_entity_poly.pdbx_strand_id   A
#
# COMPACT_ATOMS: atom_id res chain seq x y z
N THR A 45 6.13 43.27 -7.80
CA THR A 45 5.14 43.15 -6.74
C THR A 45 5.39 41.90 -5.89
N PRO A 46 5.63 42.07 -4.58
CA PRO A 46 5.84 40.89 -3.72
C PRO A 46 4.57 40.02 -3.64
N PHE A 47 4.74 38.71 -3.43
CA PHE A 47 3.58 37.82 -3.37
C PHE A 47 2.84 38.07 -2.04
N PRO A 48 1.51 38.34 -2.07
CA PRO A 48 0.83 38.73 -0.83
C PRO A 48 0.42 37.63 0.14
N TRP A 49 1.11 36.47 0.13
CA TRP A 49 0.80 35.40 1.08
C TRP A 49 2.06 34.63 1.31
N ASN A 50 2.41 34.39 2.59
CA ASN A 50 3.69 33.75 2.92
C ASN A 50 3.57 32.40 3.62
N LYS A 51 2.41 31.74 3.49
CA LYS A 51 2.24 30.45 4.20
C LYS A 51 1.94 29.34 3.17
N ILE A 52 2.37 28.12 3.50
CA ILE A 52 2.07 26.97 2.61
C ILE A 52 0.58 26.70 2.62
N ARG A 53 -0.05 26.75 3.80
CA ARG A 53 -1.50 26.59 3.89
C ARG A 53 -2.20 27.81 3.34
N LEU A 54 -3.33 27.61 2.65
CA LEU A 54 -4.09 28.74 2.11
C LEU A 54 -4.76 29.54 3.22
N PRO A 55 -5.15 30.79 2.91
CA PRO A 55 -5.96 31.53 3.89
C PRO A 55 -7.28 30.82 4.19
N GLU A 56 -7.79 31.01 5.42
CA GLU A 56 -9.03 30.34 5.79
C GLU A 56 -10.28 31.13 5.46
N TYR A 57 -10.14 32.39 5.00
CA TYR A 57 -11.32 33.25 4.85
C TYR A 57 -11.92 33.38 3.47
N VAL A 58 -11.45 32.62 2.47
CA VAL A 58 -12.09 32.61 1.17
C VAL A 58 -12.39 31.11 0.95
N ILE A 59 -13.67 30.80 0.78
CA ILE A 59 -14.14 29.42 0.70
C ILE A 59 -14.87 29.13 -0.58
N PRO A 60 -14.48 28.06 -1.28
CA PRO A 60 -15.25 27.66 -2.48
C PRO A 60 -16.49 26.86 -2.14
N VAL A 61 -17.51 26.94 -2.99
CA VAL A 61 -18.71 26.13 -2.84
C VAL A 61 -18.90 25.20 -4.06
N HIS A 62 -18.51 25.66 -5.25
CA HIS A 62 -18.80 24.89 -6.45
C HIS A 62 -17.81 25.23 -7.52
N TYR A 63 -17.35 24.24 -8.27
CA TYR A 63 -16.47 24.45 -9.40
C TYR A 63 -17.13 23.97 -10.67
N ASP A 64 -16.97 24.75 -11.74
N ASP A 64 -16.94 24.75 -11.74
CA ASP A 64 -17.37 24.30 -13.06
CA ASP A 64 -17.30 24.34 -13.10
C ASP A 64 -16.04 24.16 -13.83
C ASP A 64 -15.96 24.16 -13.77
N LEU A 65 -15.66 22.92 -14.21
CA LEU A 65 -14.38 22.67 -14.87
C LEU A 65 -14.61 22.30 -16.28
N LEU A 66 -14.11 23.11 -17.22
CA LEU A 66 -14.16 22.70 -18.63
C LEU A 66 -12.70 22.35 -19.01
N ILE A 67 -12.48 21.14 -19.56
CA ILE A 67 -11.14 20.70 -19.92
C ILE A 67 -11.17 20.22 -21.37
N HIS A 68 -10.21 20.67 -22.18
CA HIS A 68 -10.06 20.16 -23.54
C HIS A 68 -8.62 19.62 -23.64
N ALA A 69 -8.45 18.30 -23.75
CA ALA A 69 -7.11 17.76 -23.97
C ALA A 69 -6.97 17.40 -25.42
N GLN A 70 -5.82 17.71 -25.96
CA GLN A 70 -5.52 17.44 -27.36
C GLN A 70 -4.52 16.31 -27.31
N LEU A 71 -4.98 15.07 -27.56
CA LEU A 71 -4.09 13.92 -27.36
C LEU A 71 -3.02 13.76 -28.43
N THR A 72 -3.13 14.49 -29.55
CA THR A 72 -2.11 14.44 -30.59
C THR A 72 -0.92 15.36 -30.27
N THR A 73 -1.10 16.41 -29.44
CA THR A 73 0.01 17.31 -29.09
C THR A 73 0.34 17.26 -27.57
N LEU A 74 -0.53 16.62 -26.80
CA LEU A 74 -0.40 16.49 -25.36
C LEU A 74 -0.63 17.81 -24.65
N THR A 75 -1.20 18.81 -25.30
CA THR A 75 -1.53 20.08 -24.66
C THR A 75 -2.97 19.94 -24.14
N PHE A 76 -3.30 20.65 -23.07
CA PHE A 76 -4.69 20.74 -22.66
C PHE A 76 -4.97 22.18 -22.28
N TRP A 77 -6.23 22.56 -22.41
CA TRP A 77 -6.68 23.90 -22.01
C TRP A 77 -7.85 23.75 -21.09
N GLY A 78 -8.01 24.69 -20.19
CA GLY A 78 -9.16 24.67 -19.32
C GLY A 78 -9.74 26.04 -19.02
N THR A 79 -10.99 26.02 -18.62
CA THR A 79 -11.64 27.17 -18.01
C THR A 79 -12.22 26.64 -16.70
N THR A 80 -11.76 27.22 -15.60
CA THR A 80 -12.26 26.88 -14.28
C THR A 80 -13.09 28.04 -13.75
N LYS A 81 -14.30 27.77 -13.29
CA LYS A 81 -15.15 28.80 -12.69
C LYS A 81 -15.39 28.32 -11.26
N VAL A 82 -15.00 29.08 -10.24
CA VAL A 82 -15.13 28.65 -8.84
C VAL A 82 -15.95 29.67 -8.07
N GLU A 83 -17.11 29.23 -7.58
CA GLU A 83 -18.02 30.08 -6.80
C GLU A 83 -17.44 30.13 -5.39
N ILE A 84 -17.17 31.33 -4.88
CA ILE A 84 -16.56 31.53 -3.58
C ILE A 84 -17.34 32.55 -2.74
N THR A 85 -17.06 32.51 -1.42
CA THR A 85 -17.49 33.57 -0.53
C THR A 85 -16.29 33.93 0.36
N ALA A 86 -16.23 35.21 0.75
CA ALA A 86 -15.19 35.68 1.65
C ALA A 86 -15.85 36.05 2.98
N SER A 87 -15.25 35.61 4.09
CA SER A 87 -15.75 35.94 5.44
C SER A 87 -15.08 37.19 6.03
N GLN A 88 -14.05 37.71 5.38
CA GLN A 88 -13.32 38.92 5.74
C GLN A 88 -13.25 39.72 4.47
N PRO A 89 -13.27 41.07 4.55
CA PRO A 89 -13.06 41.84 3.32
C PRO A 89 -11.62 41.58 2.83
N THR A 90 -11.50 41.27 1.56
CA THR A 90 -10.20 41.05 0.96
C THR A 90 -10.31 41.43 -0.50
N SER A 91 -9.20 41.89 -1.05
CA SER A 91 -9.14 42.16 -2.49
C SER A 91 -8.24 41.09 -3.17
N THR A 92 -7.80 40.07 -2.42
CA THR A 92 -6.86 39.09 -2.91
C THR A 92 -7.35 37.70 -2.65
N ILE A 93 -7.32 36.88 -3.70
CA ILE A 93 -7.71 35.47 -3.59
C ILE A 93 -6.47 34.62 -3.82
N ILE A 94 -6.12 33.79 -2.84
CA ILE A 94 -4.96 32.92 -2.99
C ILE A 94 -5.48 31.52 -3.26
N LEU A 95 -4.92 30.90 -4.26
CA LEU A 95 -5.30 29.50 -4.48
C LEU A 95 -4.17 28.76 -5.13
N HIS A 96 -4.32 27.42 -5.34
CA HIS A 96 -3.22 26.62 -5.85
C HIS A 96 -3.22 26.49 -7.33
N SER A 97 -2.04 26.44 -7.91
CA SER A 97 -1.87 26.19 -9.35
C SER A 97 -0.41 25.77 -9.54
N HIS A 98 -0.15 24.70 -10.31
CA HIS A 98 1.23 24.25 -10.50
C HIS A 98 1.39 23.85 -11.97
N HIS A 99 2.33 24.52 -12.66
CA HIS A 99 2.65 24.25 -14.07
C HIS A 99 1.49 24.55 -15.01
N LEU A 100 0.60 25.45 -14.63
CA LEU A 100 -0.46 25.89 -15.55
C LEU A 100 -0.13 27.31 -16.03
N GLN A 101 -0.33 27.58 -17.30
CA GLN A 101 -0.09 28.92 -17.86
C GLN A 101 -1.41 29.62 -17.91
N ILE A 102 -1.58 30.63 -17.07
CA ILE A 102 -2.85 31.33 -16.96
C ILE A 102 -2.91 32.45 -17.95
N SER A 103 -3.91 32.43 -18.85
CA SER A 103 -4.01 33.51 -19.82
C SER A 103 -4.90 34.64 -19.37
N ARG A 104 -5.90 34.37 -18.53
CA ARG A 104 -6.83 35.44 -18.12
C ARG A 104 -7.53 34.98 -16.87
N ALA A 105 -7.79 35.91 -15.94
CA ALA A 105 -8.56 35.62 -14.73
C ALA A 105 -9.52 36.78 -14.52
N THR A 106 -10.77 36.48 -14.21
CA THR A 106 -11.79 37.51 -14.02
C THR A 106 -12.68 37.17 -12.81
N LEU A 107 -13.23 38.20 -12.15
CA LEU A 107 -14.11 38.01 -11.01
C LEU A 107 -15.48 38.43 -11.41
N ARG A 108 -16.42 37.53 -11.33
CA ARG A 108 -17.81 37.84 -11.64
C ARG A 108 -18.61 37.97 -10.37
N LYS A 109 -19.55 38.92 -10.35
CA LYS A 109 -20.49 39.14 -9.27
C LYS A 109 -21.83 39.21 -10.00
N GLY A 110 -22.81 38.45 -9.59
CA GLY A 110 -24.14 38.46 -10.22
C GLY A 110 -24.28 37.57 -11.45
N ARG A 114 -27.51 41.37 -13.73
CA ARG A 114 -26.69 42.12 -12.77
C ARG A 114 -25.21 41.76 -12.84
N LEU A 115 -24.77 40.99 -13.86
CA LEU A 115 -23.38 40.56 -13.93
C LEU A 115 -22.43 41.72 -14.11
N SER A 116 -21.42 41.71 -13.32
CA SER A 116 -20.32 42.62 -13.42
C SER A 116 -19.11 41.72 -13.39
N GLU A 117 -18.18 42.07 -14.20
CA GLU A 117 -16.92 41.40 -14.28
C GLU A 117 -15.90 42.39 -13.92
N GLU A 118 -14.83 41.93 -13.34
CA GLU A 118 -13.68 42.72 -13.02
C GLU A 118 -12.48 41.89 -13.41
N PRO A 119 -11.54 42.41 -14.20
CA PRO A 119 -10.32 41.66 -14.49
C PRO A 119 -9.51 41.49 -13.21
N LEU A 120 -8.89 40.32 -13.06
CA LEU A 120 -8.04 40.10 -11.92
C LEU A 120 -6.59 40.09 -12.36
N GLN A 121 -5.71 40.70 -11.56
CA GLN A 121 -4.28 40.64 -11.85
C GLN A 121 -3.80 39.32 -11.27
N VAL A 122 -2.89 38.66 -11.98
CA VAL A 122 -2.41 37.36 -11.52
C VAL A 122 -0.96 37.43 -11.14
N LEU A 123 -0.65 36.98 -9.94
CA LEU A 123 0.73 36.80 -9.46
C LEU A 123 0.93 35.31 -9.15
N GLU A 124 2.19 34.85 -9.20
CA GLU A 124 2.44 33.44 -8.89
C GLU A 124 3.56 33.27 -7.93
N HIS A 125 3.47 32.22 -7.10
CA HIS A 125 4.56 31.87 -6.21
C HIS A 125 4.76 30.37 -6.47
N PRO A 126 5.59 30.03 -7.47
CA PRO A 126 5.75 28.61 -7.82
C PRO A 126 6.23 27.68 -6.71
N ARG A 127 7.12 28.09 -5.80
CA ARG A 127 7.58 27.21 -4.73
C ARG A 127 6.43 26.85 -3.77
N GLN A 128 5.55 27.82 -3.46
CA GLN A 128 4.38 27.53 -2.61
C GLN A 128 3.23 26.90 -3.47
N GLU A 129 3.42 26.77 -4.80
CA GLU A 129 2.41 26.25 -5.74
C GLU A 129 1.12 27.04 -5.62
N GLN A 130 1.26 28.38 -5.46
CA GLN A 130 0.11 29.26 -5.32
C GLN A 130 0.07 30.33 -6.37
N ILE A 131 -1.12 30.84 -6.63
CA ILE A 131 -1.32 32.05 -7.42
C ILE A 131 -2.14 33.00 -6.57
N ALA A 132 -2.01 34.32 -6.86
CA ALA A 132 -2.80 35.32 -6.12
C ALA A 132 -3.53 36.11 -7.19
N LEU A 133 -4.82 36.27 -6.99
CA LEU A 133 -5.68 37.03 -7.90
C LEU A 133 -6.10 38.29 -7.18
N LEU A 134 -5.81 39.45 -7.81
CA LEU A 134 -6.04 40.79 -7.24
C LEU A 134 -7.21 41.48 -7.90
N ALA A 135 -8.23 41.86 -7.12
CA ALA A 135 -9.43 42.50 -7.61
C ALA A 135 -9.29 44.02 -7.47
N PRO A 136 -9.97 44.77 -8.35
CA PRO A 136 -9.86 46.25 -8.31
C PRO A 136 -10.58 46.90 -7.13
N GLU A 137 -11.36 46.13 -6.39
CA GLU A 137 -12.11 46.59 -5.21
C GLU A 137 -12.40 45.41 -4.31
N PRO A 138 -12.58 45.61 -3.01
CA PRO A 138 -12.77 44.46 -2.12
C PRO A 138 -14.01 43.67 -2.41
N LEU A 139 -13.93 42.35 -2.15
CA LEU A 139 -15.11 41.51 -2.24
C LEU A 139 -16.01 41.91 -1.03
N LEU A 140 -17.33 41.87 -1.20
CA LEU A 140 -18.23 42.16 -0.09
C LEU A 140 -18.42 40.85 0.69
N VAL A 141 -18.27 40.91 2.01
CA VAL A 141 -18.36 39.73 2.85
C VAL A 141 -19.71 39.00 2.73
N GLY A 142 -19.65 37.68 2.62
CA GLY A 142 -20.84 36.84 2.60
C GLY A 142 -21.61 36.76 1.30
N LEU A 143 -21.18 37.52 0.29
CA LEU A 143 -21.85 37.51 -1.00
C LEU A 143 -21.13 36.57 -1.97
N PRO A 144 -21.88 35.89 -2.85
CA PRO A 144 -21.23 35.00 -3.80
C PRO A 144 -20.53 35.74 -4.94
N TYR A 145 -19.34 35.23 -5.29
CA TYR A 145 -18.60 35.68 -6.46
C TYR A 145 -18.15 34.46 -7.22
N THR A 146 -17.81 34.63 -8.48
CA THR A 146 -17.28 33.53 -9.27
C THR A 146 -15.97 33.92 -9.88
N VAL A 147 -14.89 33.21 -9.54
CA VAL A 147 -13.60 33.42 -10.15
C VAL A 147 -13.53 32.60 -11.45
N VAL A 148 -13.19 33.21 -12.57
CA VAL A 148 -13.11 32.51 -13.85
C VAL A 148 -11.66 32.57 -14.33
N ILE A 149 -11.02 31.41 -14.52
CA ILE A 149 -9.64 31.34 -14.93
C ILE A 149 -9.49 30.51 -16.20
N HIS A 150 -8.85 31.11 -17.21
CA HIS A 150 -8.54 30.42 -18.45
C HIS A 150 -7.06 30.09 -18.43
N TYR A 151 -6.73 28.81 -18.78
CA TYR A 151 -5.34 28.40 -18.71
C TYR A 151 -5.03 27.28 -19.67
N ALA A 152 -3.73 26.97 -19.77
CA ALA A 152 -3.27 25.87 -20.59
C ALA A 152 -2.22 25.09 -19.80
N GLY A 153 -2.03 23.84 -20.17
CA GLY A 153 -0.99 23.02 -19.60
C GLY A 153 -0.57 21.97 -20.59
N GLN A 154 0.40 21.15 -20.15
CA GLN A 154 0.83 20.04 -20.97
C GLN A 154 0.54 18.79 -20.14
N LEU A 155 0.06 17.70 -20.76
CA LEU A 155 -0.18 16.45 -20.04
C LEU A 155 1.11 16.02 -19.36
N SER A 156 0.98 15.53 -18.12
CA SER A 156 2.20 15.15 -17.42
C SER A 156 2.76 13.86 -18.00
N GLU A 157 4.10 13.78 -18.01
CA GLU A 157 4.78 12.55 -18.37
C GLU A 157 5.09 11.71 -17.10
N THR A 158 4.57 12.12 -15.96
CA THR A 158 4.70 11.34 -14.72
C THR A 158 3.44 10.48 -14.59
N PHE A 159 3.22 9.92 -13.38
CA PHE A 159 1.99 9.21 -13.07
C PHE A 159 1.03 10.02 -12.20
N HIS A 160 1.20 11.34 -12.16
CA HIS A 160 0.30 12.17 -11.37
C HIS A 160 -0.12 13.41 -12.17
N GLY A 161 -1.11 14.10 -11.63
CA GLY A 161 -1.74 15.20 -12.36
C GLY A 161 -2.63 14.61 -13.43
N PHE A 162 -2.79 15.36 -14.53
CA PHE A 162 -3.53 14.88 -15.71
C PHE A 162 -2.42 14.39 -16.61
N TYR A 163 -2.26 13.06 -16.73
CA TYR A 163 -1.08 12.46 -17.30
C TYR A 163 -1.36 11.56 -18.48
N LYS A 164 -0.31 11.36 -19.27
CA LYS A 164 -0.41 10.50 -20.46
C LYS A 164 -0.19 9.04 -20.11
N SER A 165 -1.00 8.16 -20.67
CA SER A 165 -0.81 6.72 -20.51
C SER A 165 -0.90 6.11 -21.94
N THR A 166 -0.16 5.04 -22.21
CA THR A 166 -0.17 4.43 -23.54
C THR A 166 -0.23 2.94 -23.42
N TYR A 167 -0.61 2.31 -24.53
CA TYR A 167 -0.49 0.89 -24.64
C TYR A 167 -0.43 0.52 -26.09
N ARG A 168 -0.08 -0.73 -26.38
CA ARG A 168 -0.02 -1.18 -27.77
C ARG A 168 -1.10 -2.20 -28.00
N THR A 169 -1.83 -2.06 -29.10
CA THR A 169 -2.85 -3.09 -29.40
C THR A 169 -2.17 -4.40 -29.78
N LYS A 170 -2.91 -5.53 -29.67
CA LYS A 170 -2.30 -6.82 -30.05
C LYS A 170 -1.86 -6.82 -31.52
N GLU A 171 -2.47 -5.93 -32.30
CA GLU A 171 -2.23 -5.68 -33.68
C GLU A 171 -1.01 -4.74 -33.92
N GLY A 172 -0.41 -4.15 -32.86
CA GLY A 172 0.80 -3.32 -32.90
C GLY A 172 0.67 -1.80 -32.85
N GLU A 173 -0.55 -1.27 -32.82
CA GLU A 173 -0.79 0.16 -32.83
C GLU A 173 -0.56 0.80 -31.45
N LEU A 174 0.25 1.86 -31.37
CA LEU A 174 0.41 2.61 -30.11
C LEU A 174 -0.87 3.47 -29.91
N ARG A 175 -1.51 3.37 -28.74
CA ARG A 175 -2.70 4.13 -28.41
C ARG A 175 -2.37 5.02 -27.22
N ILE A 176 -2.84 6.26 -27.27
CA ILE A 176 -2.56 7.25 -26.25
C ILE A 176 -3.86 7.59 -25.56
N LEU A 177 -3.84 7.59 -24.21
CA LEU A 177 -5.01 8.04 -23.44
C LEU A 177 -4.53 9.07 -22.41
N ALA A 178 -5.48 9.69 -21.72
CA ALA A 178 -5.12 10.68 -20.68
C ALA A 178 -5.95 10.34 -19.49
N SER A 179 -5.33 10.34 -18.29
CA SER A 179 -6.04 9.97 -17.06
C SER A 179 -5.54 10.85 -15.93
N THR A 180 -6.20 10.79 -14.79
CA THR A 180 -5.85 11.62 -13.65
C THR A 180 -5.43 10.84 -12.44
N GLN A 181 -4.53 11.44 -11.67
CA GLN A 181 -4.19 10.92 -10.33
C GLN A 181 -3.85 12.16 -9.50
N PHE A 182 -4.74 12.58 -8.59
CA PHE A 182 -4.55 13.85 -7.85
C PHE A 182 -4.15 13.68 -6.44
N GLU A 183 -4.52 12.56 -5.77
CA GLU A 183 -4.14 12.50 -4.36
C GLU A 183 -2.63 12.33 -4.18
N PRO A 184 -2.02 13.10 -3.27
CA PRO A 184 -2.62 14.12 -2.43
C PRO A 184 -2.76 15.54 -3.04
N THR A 185 -1.73 16.09 -3.70
CA THR A 185 -1.75 17.53 -3.99
C THR A 185 -1.60 17.85 -5.48
N ALA A 186 -2.01 16.94 -6.39
CA ALA A 186 -1.83 17.19 -7.82
C ALA A 186 -3.08 17.69 -8.52
N ALA A 187 -4.24 17.88 -7.85
CA ALA A 187 -5.40 18.49 -8.59
C ALA A 187 -5.02 19.85 -9.14
N ARG A 188 -4.17 20.57 -8.40
CA ARG A 188 -3.70 21.92 -8.82
C ARG A 188 -2.86 21.88 -10.10
N MET A 189 -2.45 20.72 -10.58
CA MET A 189 -1.72 20.55 -11.82
C MET A 189 -2.71 20.38 -13.00
N ALA A 190 -4.01 20.22 -12.72
CA ALA A 190 -4.99 20.06 -13.76
C ALA A 190 -5.95 21.23 -13.82
N PHE A 191 -6.24 21.85 -12.67
CA PHE A 191 -7.12 23.03 -12.65
C PHE A 191 -6.73 23.81 -11.43
N PRO A 192 -6.77 25.15 -11.49
CA PRO A 192 -6.47 25.96 -10.29
C PRO A 192 -7.58 25.76 -9.29
N CYS A 193 -7.20 25.64 -8.01
CA CYS A 193 -8.22 25.33 -7.00
C CYS A 193 -7.73 25.57 -5.60
N PHE A 194 -8.63 25.47 -4.64
CA PHE A 194 -8.26 25.54 -3.23
C PHE A 194 -7.95 24.09 -2.85
N ASP A 195 -6.72 23.70 -3.10
CA ASP A 195 -6.34 22.27 -3.12
C ASP A 195 -5.88 21.75 -1.77
N GLU A 196 -6.82 21.78 -0.81
CA GLU A 196 -6.60 21.19 0.52
C GLU A 196 -7.88 20.44 0.82
N PRO A 197 -7.79 19.29 1.49
CA PRO A 197 -8.96 18.42 1.59
C PRO A 197 -10.14 18.94 2.38
N ALA A 198 -9.97 19.95 3.21
CA ALA A 198 -11.09 20.47 3.96
C ALA A 198 -11.86 21.57 3.21
N PHE A 199 -11.39 21.98 2.00
CA PHE A 199 -12.15 22.96 1.22
C PHE A 199 -13.07 22.14 0.29
N LYS A 200 -14.09 21.48 0.88
CA LYS A 200 -14.97 20.64 0.05
C LYS A 200 -15.88 21.50 -0.79
N ALA A 201 -16.26 20.96 -1.95
CA ALA A 201 -17.10 21.70 -2.90
C ALA A 201 -17.73 20.71 -3.86
N SER A 202 -18.78 21.15 -4.59
CA SER A 202 -19.30 20.31 -5.67
C SER A 202 -18.58 20.66 -6.98
N PHE A 203 -18.55 19.72 -7.92
CA PHE A 203 -17.84 19.91 -9.18
C PHE A 203 -18.69 19.52 -10.37
N SER A 204 -18.81 20.41 -11.34
CA SER A 204 -19.52 20.10 -12.59
C SER A 204 -18.44 20.06 -13.66
N ILE A 205 -18.23 18.90 -14.27
CA ILE A 205 -17.13 18.72 -15.21
C ILE A 205 -17.61 18.55 -16.62
N LYS A 206 -16.91 19.24 -17.54
CA LYS A 206 -17.19 19.20 -18.97
C LYS A 206 -15.89 18.90 -19.67
N ILE A 207 -15.90 17.93 -20.58
N ILE A 207 -15.89 17.90 -20.56
CA ILE A 207 -14.68 17.56 -21.28
CA ILE A 207 -14.69 17.45 -21.27
C ILE A 207 -14.91 17.70 -22.76
C ILE A 207 -14.86 17.60 -22.77
N ARG A 208 -14.00 18.38 -23.45
CA ARG A 208 -14.08 18.48 -24.90
C ARG A 208 -13.09 17.44 -25.45
N ARG A 209 -13.53 16.66 -26.43
CA ARG A 209 -12.74 15.57 -26.94
C ARG A 209 -13.06 15.29 -28.38
N GLU A 210 -12.17 14.56 -29.02
CA GLU A 210 -12.42 14.11 -30.39
C GLU A 210 -13.51 13.03 -30.34
N PRO A 211 -14.29 12.89 -31.43
CA PRO A 211 -15.32 11.85 -31.44
C PRO A 211 -14.79 10.41 -31.27
N ARG A 212 -13.51 10.20 -31.64
CA ARG A 212 -12.93 8.84 -31.54
C ARG A 212 -12.69 8.40 -30.10
N HIS A 213 -12.76 9.35 -29.15
CA HIS A 213 -12.47 9.00 -27.76
C HIS A 213 -13.72 8.97 -26.91
N LEU A 214 -13.66 8.22 -25.83
CA LEU A 214 -14.66 8.18 -24.79
C LEU A 214 -14.15 8.99 -23.61
N ALA A 215 -14.99 9.79 -22.96
CA ALA A 215 -14.59 10.43 -21.71
C ALA A 215 -15.51 9.88 -20.62
N ILE A 216 -14.92 9.61 -19.45
CA ILE A 216 -15.65 9.28 -18.23
C ILE A 216 -15.12 10.15 -17.09
N SER A 217 -15.94 10.33 -16.05
CA SER A 217 -15.55 11.18 -14.93
C SER A 217 -16.24 10.68 -13.67
N ASN A 218 -16.26 11.49 -12.61
CA ASN A 218 -16.87 11.01 -11.36
C ASN A 218 -18.34 10.63 -11.51
N MET A 219 -19.11 11.48 -12.22
CA MET A 219 -20.56 11.36 -12.31
C MET A 219 -21.03 10.91 -13.68
N PRO A 220 -22.30 10.48 -13.79
CA PRO A 220 -22.82 10.11 -15.10
C PRO A 220 -22.73 11.20 -16.15
N LEU A 221 -22.63 10.76 -17.38
CA LEU A 221 -22.66 11.63 -18.55
C LEU A 221 -24.12 12.01 -18.77
N VAL A 222 -24.41 13.34 -18.77
CA VAL A 222 -25.81 13.74 -18.94
C VAL A 222 -26.08 14.25 -20.34
N LYS A 223 -25.06 14.70 -21.08
CA LYS A 223 -25.30 15.24 -22.44
C LYS A 223 -23.98 15.34 -23.18
N SER A 224 -23.99 15.15 -24.50
CA SER A 224 -22.81 15.34 -25.34
C SER A 224 -23.23 16.29 -26.42
N VAL A 225 -22.50 17.38 -26.57
CA VAL A 225 -22.87 18.44 -27.51
C VAL A 225 -21.78 18.62 -28.55
N THR A 226 -22.14 18.76 -29.83
CA THR A 226 -21.12 19.04 -30.83
C THR A 226 -20.70 20.50 -30.68
N VAL A 227 -19.39 20.77 -30.63
CA VAL A 227 -18.91 22.15 -30.55
C VAL A 227 -18.02 22.41 -31.79
N ALA A 228 -17.40 23.57 -31.86
CA ALA A 228 -16.60 23.93 -33.02
C ALA A 228 -15.41 23.01 -33.25
N GLU A 229 -14.94 22.99 -34.51
CA GLU A 229 -13.74 22.32 -34.93
C GLU A 229 -13.72 20.82 -34.67
N GLY A 230 -14.84 20.16 -34.95
CA GLY A 230 -14.98 18.72 -34.89
C GLY A 230 -14.85 18.07 -33.53
N LEU A 231 -15.12 18.83 -32.47
CA LEU A 231 -15.03 18.27 -31.12
C LEU A 231 -16.41 18.06 -30.53
N ILE A 232 -16.46 17.22 -29.50
CA ILE A 232 -17.67 16.98 -28.72
C ILE A 232 -17.42 17.37 -27.31
N GLU A 233 -18.36 18.03 -26.66
CA GLU A 233 -18.24 18.44 -25.30
C GLU A 233 -19.20 17.59 -24.48
N ASP A 234 -18.65 16.75 -23.58
CA ASP A 234 -19.45 15.89 -22.72
C ASP A 234 -19.71 16.68 -21.44
N HIS A 235 -20.94 16.60 -20.92
CA HIS A 235 -21.28 17.26 -19.65
C HIS A 235 -21.59 16.17 -18.64
N PHE A 236 -20.88 16.16 -17.52
CA PHE A 236 -21.15 15.20 -16.45
C PHE A 236 -21.99 15.86 -15.35
N ASP A 237 -22.80 15.09 -14.66
CA ASP A 237 -23.64 15.66 -13.60
C ASP A 237 -22.80 16.23 -12.45
N VAL A 238 -23.37 17.10 -11.65
CA VAL A 238 -22.64 17.71 -10.56
C VAL A 238 -22.34 16.66 -9.49
N THR A 239 -21.11 16.71 -8.93
CA THR A 239 -20.80 15.78 -7.85
C THR A 239 -21.50 16.26 -6.57
N VAL A 240 -21.51 15.34 -5.56
CA VAL A 240 -21.79 15.73 -4.20
C VAL A 240 -20.56 16.58 -3.70
N LYS A 241 -20.68 17.17 -2.50
CA LYS A 241 -19.60 17.94 -1.91
C LYS A 241 -18.43 17.01 -1.59
N MET A 242 -17.24 17.35 -2.07
CA MET A 242 -16.07 16.47 -1.92
C MET A 242 -14.77 17.26 -2.07
N SER A 243 -13.65 16.62 -1.72
CA SER A 243 -12.34 17.21 -1.80
C SER A 243 -11.80 17.22 -3.24
N THR A 244 -10.96 18.22 -3.56
CA THR A 244 -10.41 18.33 -4.90
C THR A 244 -9.62 17.08 -5.32
N TYR A 245 -9.02 16.41 -4.33
CA TYR A 245 -8.16 15.26 -4.72
C TYR A 245 -8.95 14.09 -5.30
N LEU A 246 -10.28 14.12 -5.16
CA LEU A 246 -11.12 13.03 -5.65
C LEU A 246 -11.67 13.28 -7.05
N VAL A 247 -11.42 14.47 -7.65
CA VAL A 247 -11.89 14.68 -9.03
C VAL A 247 -11.14 13.75 -9.95
N ALA A 248 -11.82 13.23 -10.98
CA ALA A 248 -11.18 12.34 -11.92
C ALA A 248 -11.82 12.47 -13.29
N PHE A 249 -11.02 12.21 -14.30
CA PHE A 249 -11.53 12.14 -15.67
C PHE A 249 -10.53 11.40 -16.54
N ILE A 250 -11.07 10.65 -17.50
CA ILE A 250 -10.23 9.81 -18.35
C ILE A 250 -10.73 9.97 -19.80
N ILE A 251 -9.80 10.14 -20.73
CA ILE A 251 -10.14 10.22 -22.16
C ILE A 251 -9.41 9.04 -22.77
N SER A 252 -10.16 8.07 -23.38
CA SER A 252 -9.53 6.81 -23.77
C SER A 252 -10.38 6.14 -24.84
N ASP A 253 -10.00 4.90 -25.13
CA ASP A 253 -10.68 3.99 -26.04
CA ASP A 253 -10.86 4.08 -26.02
C ASP A 253 -11.32 2.83 -25.25
N PHE A 254 -11.49 2.95 -23.93
CA PHE A 254 -11.88 1.79 -23.12
C PHE A 254 -13.24 1.21 -23.45
N GLU A 255 -13.26 -0.12 -23.39
CA GLU A 255 -14.52 -0.88 -23.38
C GLU A 255 -15.02 -0.96 -21.92
N SER A 256 -16.28 -1.39 -21.72
CA SER A 256 -16.82 -1.58 -20.39
C SER A 256 -17.79 -2.70 -20.33
N VAL A 257 -18.01 -3.17 -19.10
CA VAL A 257 -19.04 -4.12 -18.68
C VAL A 257 -19.70 -3.58 -17.45
N SER A 258 -20.99 -3.94 -17.21
CA SER A 258 -21.70 -3.39 -16.07
CA SER A 258 -21.73 -3.37 -16.09
C SER A 258 -22.64 -4.37 -15.43
N LYS A 259 -23.01 -4.07 -14.19
CA LYS A 259 -23.95 -4.87 -13.43
C LYS A 259 -24.57 -3.88 -12.40
N ILE A 260 -25.86 -4.05 -12.09
CA ILE A 260 -26.54 -3.13 -11.18
C ILE A 260 -26.67 -3.74 -9.81
N THR A 261 -26.37 -2.97 -8.74
CA THR A 261 -26.52 -3.51 -7.39
C THR A 261 -28.01 -3.60 -7.03
N LYS A 262 -28.30 -4.29 -5.92
CA LYS A 262 -29.69 -4.34 -5.42
C LYS A 262 -30.22 -2.92 -5.11
N SER A 263 -29.34 -1.98 -4.74
CA SER A 263 -29.73 -0.60 -4.48
C SER A 263 -29.90 0.24 -5.74
N GLY A 264 -29.63 -0.32 -6.92
CA GLY A 264 -29.82 0.41 -8.17
C GLY A 264 -28.59 1.14 -8.68
N VAL A 265 -27.43 0.93 -8.04
CA VAL A 265 -26.22 1.62 -8.51
C VAL A 265 -25.64 0.87 -9.70
N LYS A 266 -25.30 1.57 -10.78
CA LYS A 266 -24.71 0.94 -11.94
C LYS A 266 -23.19 0.82 -11.72
N VAL A 267 -22.67 -0.41 -11.59
CA VAL A 267 -21.24 -0.61 -11.39
C VAL A 267 -20.68 -1.03 -12.71
N SER A 268 -19.56 -0.44 -13.15
CA SER A 268 -18.93 -0.82 -14.40
C SER A 268 -17.44 -0.98 -14.25
N VAL A 269 -16.87 -1.89 -15.02
CA VAL A 269 -15.43 -2.02 -15.16
C VAL A 269 -15.06 -1.55 -16.55
N TYR A 270 -14.03 -0.69 -16.63
CA TYR A 270 -13.51 -0.19 -17.88
C TYR A 270 -12.09 -0.66 -18.04
N ALA A 271 -11.74 -1.08 -19.26
CA ALA A 271 -10.38 -1.51 -19.56
C ALA A 271 -10.12 -1.38 -21.04
N VAL A 272 -8.86 -1.52 -21.47
CA VAL A 272 -8.57 -1.48 -22.90
C VAL A 272 -9.35 -2.64 -23.57
N PRO A 273 -9.76 -2.45 -24.82
CA PRO A 273 -10.55 -3.49 -25.51
C PRO A 273 -9.96 -4.89 -25.41
N ASP A 274 -8.62 -5.05 -25.56
CA ASP A 274 -8.03 -6.37 -25.55
C ASP A 274 -8.06 -7.03 -24.16
N LYS A 275 -8.46 -6.31 -23.11
CA LYS A 275 -8.47 -6.86 -21.74
C LYS A 275 -9.84 -6.80 -21.08
N ILE A 276 -10.89 -6.29 -21.77
CA ILE A 276 -12.21 -6.22 -21.08
C ILE A 276 -12.71 -7.63 -20.77
N ASN A 277 -12.24 -8.67 -21.53
CA ASN A 277 -12.64 -10.04 -21.19
C ASN A 277 -12.06 -10.50 -19.86
N GLN A 278 -11.24 -9.70 -19.20
CA GLN A 278 -10.72 -10.04 -17.86
C GLN A 278 -11.41 -9.26 -16.77
N ALA A 279 -12.52 -8.59 -17.08
CA ALA A 279 -13.17 -7.71 -16.11
C ALA A 279 -14.20 -8.34 -15.19
N ASP A 280 -14.66 -9.57 -15.50
CA ASP A 280 -15.82 -10.07 -14.78
C ASP A 280 -15.61 -10.36 -13.32
N TYR A 281 -14.45 -10.86 -12.90
CA TYR A 281 -14.24 -11.13 -11.49
C TYR A 281 -14.37 -9.85 -10.65
N ALA A 282 -13.68 -8.79 -11.10
CA ALA A 282 -13.76 -7.53 -10.38
C ALA A 282 -15.12 -6.93 -10.42
N LEU A 283 -15.85 -7.07 -11.53
CA LEU A 283 -17.20 -6.50 -11.60
C LEU A 283 -18.11 -7.18 -10.56
N ASP A 284 -18.04 -8.50 -10.50
CA ASP A 284 -18.87 -9.21 -9.53
CA ASP A 284 -18.85 -9.25 -9.56
C ASP A 284 -18.45 -8.90 -8.12
N ALA A 285 -17.15 -8.82 -7.87
CA ALA A 285 -16.67 -8.52 -6.51
C ALA A 285 -17.10 -7.12 -6.11
N ALA A 286 -17.00 -6.15 -7.04
CA ALA A 286 -17.37 -4.77 -6.70
C ALA A 286 -18.85 -4.66 -6.34
N VAL A 287 -19.72 -5.33 -7.11
CA VAL A 287 -21.15 -5.29 -6.76
C VAL A 287 -21.39 -5.87 -5.35
N THR A 288 -20.81 -7.04 -5.06
CA THR A 288 -20.97 -7.67 -3.75
C THR A 288 -20.41 -6.79 -2.63
N LEU A 289 -19.23 -6.19 -2.84
CA LEU A 289 -18.62 -5.37 -1.81
C LEU A 289 -19.37 -4.05 -1.63
N LEU A 290 -19.86 -3.41 -2.72
CA LEU A 290 -20.60 -2.17 -2.54
C LEU A 290 -21.89 -2.48 -1.73
N GLU A 291 -22.55 -3.59 -2.03
CA GLU A 291 -23.77 -3.96 -1.30
C GLU A 291 -23.45 -4.25 0.14
N PHE A 292 -22.31 -4.88 0.41
CA PHE A 292 -21.88 -5.16 1.77
C PHE A 292 -21.74 -3.87 2.56
N TYR A 293 -20.98 -2.88 1.99
CA TYR A 293 -20.75 -1.66 2.73
C TYR A 293 -22.02 -0.86 2.91
N GLU A 294 -22.92 -0.81 1.91
CA GLU A 294 -24.17 -0.06 2.11
C GLU A 294 -24.96 -0.63 3.28
N ASP A 295 -25.01 -1.95 3.37
N ASP A 295 -24.99 -1.97 3.38
CA ASP A 295 -25.73 -2.55 4.49
CA ASP A 295 -25.70 -2.69 4.44
C ASP A 295 -24.96 -2.33 5.79
C ASP A 295 -24.99 -2.61 5.79
N TYR A 296 -23.66 -2.62 5.78
CA TYR A 296 -22.86 -2.56 7.01
C TYR A 296 -22.87 -1.19 7.65
N PHE A 297 -22.68 -0.15 6.84
CA PHE A 297 -22.65 1.21 7.39
C PHE A 297 -24.01 1.84 7.57
N SER A 298 -25.08 1.24 7.01
CA SER A 298 -26.41 1.82 7.02
C SER A 298 -26.44 3.19 6.34
N ILE A 299 -25.56 3.40 5.36
CA ILE A 299 -25.48 4.68 4.63
C ILE A 299 -25.34 4.32 3.20
N PRO A 300 -26.35 4.59 2.39
CA PRO A 300 -26.27 4.21 0.97
C PRO A 300 -25.13 4.88 0.24
N TYR A 301 -24.62 4.21 -0.78
CA TYR A 301 -23.66 4.89 -1.69
C TYR A 301 -24.48 5.97 -2.44
N PRO A 302 -23.98 7.23 -2.49
CA PRO A 302 -24.87 8.32 -2.87
C PRO A 302 -24.92 8.69 -4.34
N LEU A 303 -24.07 8.06 -5.18
CA LEU A 303 -24.02 8.41 -6.60
C LEU A 303 -24.72 7.36 -7.42
N PRO A 304 -25.14 7.69 -8.64
CA PRO A 304 -25.88 6.70 -9.44
C PRO A 304 -25.05 5.57 -9.98
N LYS A 305 -23.73 5.78 -10.06
CA LYS A 305 -22.86 4.78 -10.68
C LYS A 305 -21.51 4.77 -10.01
N GLN A 306 -20.81 3.65 -10.18
CA GLN A 306 -19.46 3.49 -9.65
C GLN A 306 -18.66 2.80 -10.74
N ASP A 307 -17.59 3.44 -11.21
CA ASP A 307 -16.76 2.83 -12.22
C ASP A 307 -15.44 2.37 -11.60
N LEU A 308 -14.90 1.30 -12.19
CA LEU A 308 -13.58 0.77 -11.81
C LEU A 308 -12.80 0.70 -13.10
N ALA A 309 -11.80 1.57 -13.28
CA ALA A 309 -11.07 1.64 -14.53
C ALA A 309 -9.63 1.16 -14.38
N ALA A 310 -9.22 0.25 -15.27
CA ALA A 310 -7.88 -0.32 -15.26
C ALA A 310 -7.01 0.53 -16.20
N ILE A 311 -6.03 1.21 -15.64
CA ILE A 311 -5.21 2.14 -16.41
C ILE A 311 -3.92 1.50 -16.83
N PRO A 312 -3.51 1.60 -18.09
CA PRO A 312 -2.27 0.90 -18.52
C PRO A 312 -1.03 1.35 -17.77
N ASP A 313 -1.00 2.59 -17.28
CA ASP A 313 0.16 3.12 -16.52
C ASP A 313 -0.39 3.70 -15.24
N PHE A 314 0.06 3.17 -14.08
CA PHE A 314 -0.47 3.64 -12.84
C PHE A 314 0.59 3.42 -11.75
N GLN A 315 0.80 4.44 -10.91
CA GLN A 315 1.91 4.37 -9.94
C GLN A 315 1.63 3.50 -8.71
N SER A 316 0.60 3.87 -7.97
CA SER A 316 0.24 3.09 -6.81
C SER A 316 -0.58 1.85 -7.26
N GLY A 317 -1.29 1.21 -6.33
CA GLY A 317 -2.10 0.07 -6.71
C GLY A 317 -3.44 0.51 -7.31
N ALA A 318 -4.03 1.54 -6.72
CA ALA A 318 -5.39 1.98 -7.09
C ALA A 318 -5.69 3.31 -6.42
N MET A 319 -6.84 3.94 -6.77
CA MET A 319 -7.20 5.23 -6.17
C MET A 319 -8.73 5.31 -6.12
N GLU A 320 -9.24 5.92 -5.07
CA GLU A 320 -10.66 5.85 -4.77
C GLU A 320 -11.53 6.99 -5.27
N ASN A 321 -11.14 7.64 -6.38
CA ASN A 321 -11.93 8.80 -6.86
C ASN A 321 -13.42 8.50 -6.88
N TRP A 322 -14.20 9.39 -6.27
CA TRP A 322 -15.60 9.09 -6.01
C TRP A 322 -16.39 8.88 -7.29
N GLY A 323 -16.88 7.66 -7.53
CA GLY A 323 -17.59 7.38 -8.77
C GLY A 323 -16.71 6.90 -9.90
N LEU A 324 -15.36 7.04 -9.75
CA LEU A 324 -14.44 6.62 -10.82
C LEU A 324 -13.15 6.13 -10.19
N THR A 325 -13.23 4.95 -9.59
CA THR A 325 -12.03 4.38 -8.97
C THR A 325 -11.14 3.85 -10.08
N THR A 326 -9.80 3.98 -9.87
CA THR A 326 -8.80 3.63 -10.87
C THR A 326 -7.83 2.61 -10.29
N TYR A 327 -7.24 1.82 -11.18
CA TYR A 327 -6.42 0.71 -10.77
C TYR A 327 -5.31 0.46 -11.70
N ARG A 328 -4.20 -0.11 -11.19
CA ARG A 328 -3.26 -0.79 -12.10
C ARG A 328 -4.06 -1.94 -12.75
N GLU A 329 -3.71 -2.29 -14.00
CA GLU A 329 -4.35 -3.45 -14.62
C GLU A 329 -4.14 -4.70 -13.75
N SER A 330 -2.94 -4.81 -13.12
CA SER A 330 -2.67 -5.98 -12.25
C SER A 330 -3.54 -6.05 -11.01
N ALA A 331 -4.07 -4.91 -10.58
CA ALA A 331 -4.88 -4.88 -9.37
C ALA A 331 -6.37 -5.06 -9.64
N LEU A 332 -6.78 -5.24 -10.92
CA LEU A 332 -8.19 -5.37 -11.24
C LEU A 332 -8.54 -6.50 -12.15
N LEU A 333 -7.67 -6.79 -13.10
CA LEU A 333 -7.98 -7.72 -14.20
C LEU A 333 -7.55 -9.13 -13.93
N PHE A 334 -8.49 -10.07 -14.06
CA PHE A 334 -8.27 -11.46 -13.71
C PHE A 334 -8.47 -12.36 -14.92
N ASP A 335 -7.43 -13.16 -15.24
CA ASP A 335 -7.48 -14.12 -16.34
C ASP A 335 -7.62 -15.48 -15.67
N ALA A 336 -8.77 -16.13 -15.80
CA ALA A 336 -9.01 -17.37 -15.07
C ALA A 336 -8.02 -18.46 -15.37
N GLU A 337 -7.28 -18.38 -16.49
CA GLU A 337 -6.30 -19.39 -16.82
C GLU A 337 -4.88 -19.07 -16.40
N LYS A 338 -4.56 -17.78 -16.27
CA LYS A 338 -3.15 -17.40 -16.01
C LYS A 338 -2.95 -16.62 -14.72
N SER A 339 -4.00 -16.09 -14.11
CA SER A 339 -3.83 -15.31 -12.89
C SER A 339 -3.54 -16.21 -11.71
N SER A 340 -2.67 -15.72 -10.80
CA SER A 340 -2.32 -16.49 -9.62
C SER A 340 -3.42 -16.39 -8.55
N ALA A 341 -3.33 -17.27 -7.53
CA ALA A 341 -4.22 -17.22 -6.42
C ALA A 341 -3.97 -15.91 -5.64
N SER A 342 -2.71 -15.50 -5.49
CA SER A 342 -2.38 -14.24 -4.80
CA SER A 342 -2.42 -14.25 -4.77
C SER A 342 -2.99 -13.06 -5.54
N SER A 343 -3.02 -13.12 -6.88
CA SER A 343 -3.61 -12.04 -7.68
CA SER A 343 -3.57 -11.96 -7.61
C SER A 343 -5.10 -11.95 -7.46
N LYS A 344 -5.77 -13.11 -7.39
CA LYS A 344 -7.23 -13.15 -7.17
C LYS A 344 -7.54 -12.53 -5.81
N LEU A 345 -6.77 -12.92 -4.78
CA LEU A 345 -6.93 -12.34 -3.46
C LEU A 345 -6.65 -10.84 -3.51
N GLY A 346 -5.57 -10.43 -4.17
CA GLY A 346 -5.22 -9.01 -4.24
C GLY A 346 -6.26 -8.17 -4.93
N ILE A 347 -6.86 -8.66 -6.01
CA ILE A 347 -7.93 -7.87 -6.69
C ILE A 347 -9.09 -7.70 -5.73
N THR A 348 -9.46 -8.79 -5.02
CA THR A 348 -10.59 -8.70 -4.13
C THR A 348 -10.33 -7.67 -3.05
N MET A 349 -9.12 -7.71 -2.44
CA MET A 349 -8.79 -6.79 -1.36
C MET A 349 -8.66 -5.37 -1.89
N THR A 350 -8.14 -5.18 -3.10
CA THR A 350 -7.97 -3.81 -3.64
C THR A 350 -9.33 -3.19 -3.93
N VAL A 351 -10.23 -3.97 -4.53
CA VAL A 351 -11.59 -3.48 -4.74
C VAL A 351 -12.27 -3.18 -3.38
N ALA A 352 -12.07 -4.05 -2.38
CA ALA A 352 -12.67 -3.80 -1.05
C ALA A 352 -12.09 -2.51 -0.45
N HIS A 353 -10.80 -2.26 -0.65
CA HIS A 353 -10.17 -1.05 -0.12
C HIS A 353 -10.71 0.18 -0.80
N GLU A 354 -10.76 0.19 -2.14
CA GLU A 354 -11.24 1.39 -2.82
C GLU A 354 -12.72 1.63 -2.50
N LEU A 355 -13.51 0.56 -2.34
CA LEU A 355 -14.92 0.77 -2.03
C LEU A 355 -15.10 1.20 -0.57
N ALA A 356 -14.27 0.70 0.36
CA ALA A 356 -14.37 1.23 1.75
C ALA A 356 -14.15 2.74 1.77
N HIS A 357 -13.21 3.20 0.92
CA HIS A 357 -12.92 4.63 0.89
C HIS A 357 -14.11 5.46 0.49
N GLN A 358 -15.12 4.89 -0.19
CA GLN A 358 -16.26 5.76 -0.54
C GLN A 358 -16.90 6.34 0.70
N TRP A 359 -16.76 5.64 1.85
CA TRP A 359 -17.25 6.11 3.13
C TRP A 359 -16.07 6.68 3.91
N PHE A 360 -15.01 5.87 4.12
CA PHE A 360 -13.83 6.31 4.84
C PHE A 360 -12.83 6.96 3.94
N GLY A 361 -13.10 8.23 3.63
CA GLY A 361 -12.18 9.05 2.86
C GLY A 361 -12.94 10.03 2.00
N ASN A 362 -13.99 9.53 1.36
CA ASN A 362 -14.76 10.38 0.43
C ASN A 362 -15.90 11.07 1.15
N LEU A 363 -16.79 10.28 1.76
CA LEU A 363 -17.92 10.85 2.50
C LEU A 363 -17.39 11.58 3.72
N VAL A 364 -16.49 10.94 4.46
CA VAL A 364 -15.86 11.57 5.59
C VAL A 364 -14.39 11.60 5.29
N THR A 365 -13.77 12.80 5.38
CA THR A 365 -12.38 12.97 4.98
C THR A 365 -11.57 13.53 6.10
N MET A 366 -10.28 13.16 6.25
CA MET A 366 -9.46 13.83 7.29
C MET A 366 -9.38 15.34 7.01
N GLU A 367 -9.34 16.16 8.08
N GLU A 367 -9.33 16.14 8.07
CA GLU A 367 -9.23 17.61 7.88
CA GLU A 367 -9.22 17.61 7.94
C GLU A 367 -7.90 17.98 7.20
C GLU A 367 -7.89 18.04 7.31
N TRP A 368 -6.82 17.31 7.62
CA TRP A 368 -5.51 17.58 7.06
C TRP A 368 -4.71 16.29 7.05
N TRP A 369 -3.65 16.27 6.27
CA TRP A 369 -2.85 15.07 6.01
C TRP A 369 -2.16 14.49 7.23
N ASN A 370 -2.03 15.28 8.30
CA ASN A 370 -1.48 14.75 9.56
C ASN A 370 -2.29 13.53 10.04
N ASP A 371 -3.59 13.51 9.69
CA ASP A 371 -4.52 12.44 10.09
C ASP A 371 -4.94 11.60 8.89
N LEU A 372 -4.07 11.47 7.87
CA LEU A 372 -4.37 10.58 6.74
C LEU A 372 -4.77 9.17 7.19
N TRP A 373 -4.28 8.71 8.34
CA TRP A 373 -4.64 7.36 8.79
C TRP A 373 -6.13 7.18 8.97
N LEU A 374 -6.88 8.26 9.20
CA LEU A 374 -8.33 8.10 9.33
C LEU A 374 -8.95 7.57 8.05
N ASN A 375 -8.35 7.94 6.92
CA ASN A 375 -8.76 7.41 5.63
C ASN A 375 -8.10 6.02 5.43
N GLU A 376 -6.76 5.94 5.60
CA GLU A 376 -6.06 4.74 5.11
C GLU A 376 -6.10 3.58 6.04
N GLY A 377 -5.96 3.83 7.34
CA GLY A 377 -6.03 2.73 8.31
C GLY A 377 -7.41 2.08 8.26
N PHE A 378 -8.45 2.91 8.14
CA PHE A 378 -9.79 2.40 8.03
C PHE A 378 -10.02 1.63 6.76
N ALA A 379 -9.58 2.15 5.59
CA ALA A 379 -9.77 1.41 4.34
C ALA A 379 -9.03 0.08 4.35
N LYS A 380 -7.81 0.09 4.92
CA LYS A 380 -7.04 -1.15 4.99
C LYS A 380 -7.76 -2.14 5.92
N PHE A 381 -8.23 -1.67 7.07
CA PHE A 381 -8.89 -2.60 8.00
C PHE A 381 -10.19 -3.10 7.40
N MET A 382 -10.95 -2.23 6.72
CA MET A 382 -12.23 -2.64 6.18
C MET A 382 -12.08 -3.67 5.05
N GLU A 383 -10.89 -3.80 4.45
CA GLU A 383 -10.69 -4.90 3.46
C GLU A 383 -10.96 -6.24 4.17
N PHE A 384 -10.45 -6.39 5.38
CA PHE A 384 -10.60 -7.65 6.10
CA PHE A 384 -10.53 -7.61 6.21
C PHE A 384 -11.95 -7.82 6.69
N VAL A 385 -12.57 -6.74 7.20
CA VAL A 385 -13.93 -6.85 7.74
C VAL A 385 -14.90 -7.27 6.64
N SER A 386 -14.77 -6.67 5.46
CA SER A 386 -15.68 -6.94 4.39
C SER A 386 -15.45 -8.26 3.68
N VAL A 387 -14.20 -8.50 3.25
CA VAL A 387 -13.93 -9.71 2.46
C VAL A 387 -14.13 -10.96 3.31
N SER A 388 -13.94 -10.87 4.64
CA SER A 388 -14.22 -12.00 5.54
CA SER A 388 -14.20 -12.05 5.48
C SER A 388 -15.65 -12.49 5.40
N VAL A 389 -16.59 -11.58 5.08
CA VAL A 389 -17.99 -11.89 4.87
C VAL A 389 -18.30 -12.17 3.41
N THR A 390 -17.81 -11.34 2.47
CA THR A 390 -18.21 -11.48 1.08
C THR A 390 -17.57 -12.66 0.37
N HIS A 391 -16.32 -12.95 0.71
CA HIS A 391 -15.58 -14.03 0.02
C HIS A 391 -14.98 -14.91 1.11
N PRO A 392 -15.84 -15.65 1.84
CA PRO A 392 -15.33 -16.43 2.98
C PRO A 392 -14.34 -17.52 2.59
N GLU A 393 -14.33 -17.95 1.31
CA GLU A 393 -13.39 -18.97 0.80
C GLU A 393 -11.94 -18.47 0.83
N LEU A 394 -11.72 -17.14 0.84
CA LEU A 394 -10.34 -16.61 0.87
C LEU A 394 -9.77 -16.63 2.30
N LYS A 395 -10.59 -16.80 3.35
CA LYS A 395 -10.15 -16.83 4.75
C LYS A 395 -9.18 -15.64 5.06
N VAL A 396 -9.54 -14.42 4.60
CA VAL A 396 -8.60 -13.28 4.69
C VAL A 396 -8.29 -12.85 6.09
N GLY A 397 -9.19 -13.09 7.05
CA GLY A 397 -8.91 -12.75 8.45
C GLY A 397 -7.66 -13.44 8.96
N ASP A 398 -7.31 -14.60 8.36
CA ASP A 398 -6.13 -15.38 8.73
C ASP A 398 -4.83 -14.64 8.43
N TYR A 399 -4.86 -13.74 7.45
CA TYR A 399 -3.68 -13.00 6.99
C TYR A 399 -3.50 -11.67 7.61
N PHE A 400 -4.50 -11.17 8.33
CA PHE A 400 -4.43 -9.77 8.81
C PHE A 400 -3.22 -9.46 9.64
N PHE A 401 -2.90 -10.34 10.56
CA PHE A 401 -1.78 -10.07 11.46
C PHE A 401 -0.50 -9.78 10.73
N GLY A 402 -0.31 -10.35 9.52
CA GLY A 402 0.94 -10.13 8.81
C GLY A 402 1.16 -8.66 8.48
N LYS A 403 0.08 -7.91 8.31
CA LYS A 403 0.17 -6.46 8.04
C LYS A 403 0.72 -5.76 9.31
N CYS A 404 0.35 -6.25 10.48
CA CYS A 404 0.87 -5.71 11.73
C CYS A 404 2.32 -6.00 11.90
N PHE A 405 2.80 -7.17 11.50
CA PHE A 405 4.24 -7.42 11.54
C PHE A 405 4.98 -6.56 10.51
N ASP A 406 4.32 -6.23 9.36
CA ASP A 406 4.95 -5.28 8.40
C ASP A 406 5.13 -3.92 9.07
N ALA A 407 4.08 -3.45 9.76
CA ALA A 407 4.18 -2.14 10.43
C ALA A 407 5.26 -2.18 11.54
N MET A 408 5.33 -3.29 12.30
CA MET A 408 6.31 -3.37 13.39
C MET A 408 7.74 -3.30 12.94
N GLU A 409 8.00 -3.73 11.68
CA GLU A 409 9.37 -3.66 11.16
C GLU A 409 9.84 -2.23 11.09
N VAL A 410 9.00 -1.37 10.57
CA VAL A 410 9.31 0.04 10.44
C VAL A 410 9.24 0.75 11.82
N ASP A 411 8.23 0.36 12.61
CA ASP A 411 7.91 1.05 13.83
C ASP A 411 8.80 0.72 15.02
N ALA A 412 9.69 -0.25 14.86
CA ALA A 412 10.67 -0.57 15.88
C ALA A 412 11.90 0.34 15.80
N LEU A 413 11.99 1.18 14.74
CA LEU A 413 13.17 1.99 14.55
C LEU A 413 13.03 3.28 15.23
N GLN A 414 14.17 3.85 15.64
CA GLN A 414 14.22 5.03 16.48
C GLN A 414 13.49 6.19 15.90
N SER A 415 13.52 6.37 14.58
CA SER A 415 12.95 7.53 13.98
C SER A 415 11.60 7.27 13.34
N SER A 416 10.89 6.14 13.67
CA SER A 416 9.52 5.95 13.13
C SER A 416 8.66 7.14 13.59
N HIS A 417 7.55 7.43 12.92
CA HIS A 417 6.73 8.57 13.31
C HIS A 417 5.43 8.09 13.94
N PRO A 418 4.83 8.90 14.80
CA PRO A 418 3.51 8.55 15.32
C PRO A 418 2.49 8.46 14.18
N VAL A 419 1.42 7.71 14.39
CA VAL A 419 0.35 7.55 13.37
C VAL A 419 -0.18 8.92 12.93
N SER A 420 -0.39 9.83 13.89
CA SER A 420 -0.78 11.19 13.55
CA SER A 420 -0.82 11.18 13.57
C SER A 420 0.40 12.05 13.83
N THR A 421 0.91 12.77 12.80
CA THR A 421 2.11 13.60 12.97
C THR A 421 2.04 14.75 11.99
N PRO A 422 2.63 15.90 12.32
CA PRO A 422 2.49 17.06 11.44
C PRO A 422 3.23 16.97 10.13
N VAL A 423 2.55 17.43 9.05
CA VAL A 423 3.18 17.51 7.74
C VAL A 423 2.73 18.84 7.10
N GLU A 424 3.56 19.34 6.20
CA GLU A 424 3.21 20.61 5.57
C GLU A 424 3.34 20.63 4.08
N ASN A 425 4.51 20.26 3.55
CA ASN A 425 4.72 20.38 2.10
C ASN A 425 4.32 19.09 1.37
N PRO A 426 4.18 19.16 0.04
CA PRO A 426 3.72 17.98 -0.71
C PRO A 426 4.56 16.72 -0.48
N ALA A 427 5.90 16.87 -0.40
CA ALA A 427 6.74 15.67 -0.21
C ALA A 427 6.47 15.03 1.15
N GLN A 428 6.32 15.86 2.20
CA GLN A 428 6.00 15.33 3.52
C GLN A 428 4.62 14.70 3.57
N ILE A 429 3.64 15.28 2.82
CA ILE A 429 2.33 14.68 2.77
C ILE A 429 2.40 13.30 2.09
N ARG A 430 3.15 13.20 0.97
CA ARG A 430 3.24 11.92 0.28
C ARG A 430 3.87 10.86 1.18
N GLU A 431 4.78 11.27 2.10
CA GLU A 431 5.39 10.31 3.02
C GLU A 431 4.37 9.72 3.96
N MET A 432 3.20 10.34 4.15
CA MET A 432 2.18 9.74 5.02
C MET A 432 1.55 8.51 4.39
N PHE A 433 1.75 8.27 3.08
CA PHE A 433 1.20 7.07 2.46
C PHE A 433 2.23 5.95 2.69
N ASP A 434 2.26 5.43 3.92
CA ASP A 434 3.28 4.49 4.35
C ASP A 434 2.68 3.40 5.22
N ASP A 435 3.53 2.48 5.68
CA ASP A 435 3.01 1.35 6.44
C ASP A 435 2.47 1.75 7.81
N VAL A 436 2.87 2.91 8.33
CA VAL A 436 2.33 3.35 9.60
C VAL A 436 0.87 3.78 9.38
N SER A 437 0.58 4.61 8.37
CA SER A 437 -0.83 5.04 8.18
C SER A 437 -1.70 3.87 7.82
N TYR A 438 -1.22 3.00 6.91
CA TYR A 438 -2.05 1.92 6.42
C TYR A 438 -2.13 0.73 7.41
N ASP A 439 -0.96 0.12 7.66
CA ASP A 439 -0.91 -1.13 8.41
C ASP A 439 -0.98 -0.90 9.90
N LYS A 440 -0.16 0.03 10.46
CA LYS A 440 -0.32 0.29 11.91
C LYS A 440 -1.74 0.86 12.15
N GLY A 441 -2.23 1.75 11.27
CA GLY A 441 -3.59 2.28 11.43
C GLY A 441 -4.61 1.16 11.48
N ALA A 442 -4.53 0.21 10.54
CA ALA A 442 -5.49 -0.90 10.57
C ALA A 442 -5.30 -1.76 11.84
N CYS A 443 -4.04 -1.99 12.22
CA CYS A 443 -3.80 -2.85 13.36
C CYS A 443 -4.27 -2.26 14.67
N ILE A 444 -4.19 -0.93 14.84
CA ILE A 444 -4.70 -0.36 16.10
C ILE A 444 -6.22 -0.34 16.09
N LEU A 445 -6.85 -0.21 14.89
CA LEU A 445 -8.31 -0.30 14.82
C LEU A 445 -8.75 -1.73 15.12
N ASN A 446 -7.99 -2.75 14.63
CA ASN A 446 -8.33 -4.15 14.96
C ASN A 446 -8.25 -4.37 16.44
N MET A 447 -7.19 -3.83 17.06
CA MET A 447 -7.03 -4.01 18.49
C MET A 447 -8.19 -3.31 19.22
N LEU A 448 -8.58 -2.11 18.79
CA LEU A 448 -9.68 -1.38 19.40
C LEU A 448 -11.04 -2.09 19.21
N ARG A 449 -11.26 -2.70 18.05
CA ARG A 449 -12.50 -3.44 17.79
C ARG A 449 -12.57 -4.68 18.67
N GLU A 450 -11.44 -5.37 18.85
CA GLU A 450 -11.47 -6.55 19.74
C GLU A 450 -11.73 -6.12 21.18
N TYR A 451 -11.17 -4.98 21.57
CA TYR A 451 -11.34 -4.46 22.92
C TYR A 451 -12.79 -4.03 23.20
N LEU A 452 -13.40 -3.25 22.28
CA LEU A 452 -14.75 -2.76 22.50
C LEU A 452 -15.83 -3.77 22.19
N SER A 453 -15.52 -4.71 21.30
CA SER A 453 -16.35 -5.73 20.66
C SER A 453 -16.79 -5.24 19.30
N ALA A 454 -16.99 -6.19 18.37
CA ALA A 454 -17.39 -5.83 17.00
C ALA A 454 -18.66 -5.02 16.94
N ASP A 455 -19.67 -5.34 17.74
CA ASP A 455 -20.92 -4.56 17.69
C ASP A 455 -20.78 -3.14 18.21
N ALA A 456 -20.02 -2.95 19.28
CA ALA A 456 -19.86 -1.57 19.81
C ALA A 456 -19.01 -0.76 18.82
N PHE A 457 -17.97 -1.39 18.26
CA PHE A 457 -17.11 -0.72 17.29
C PHE A 457 -17.91 -0.33 16.05
N LYS A 458 -18.79 -1.23 15.58
CA LYS A 458 -19.65 -0.93 14.44
C LYS A 458 -20.58 0.22 14.72
N SER A 459 -21.21 0.22 15.90
CA SER A 459 -22.09 1.37 16.22
C SER A 459 -21.29 2.69 16.22
N GLY A 460 -20.05 2.66 16.73
CA GLY A 460 -19.19 3.85 16.78
C GLY A 460 -18.88 4.31 15.36
N ILE A 461 -18.57 3.35 14.43
CA ILE A 461 -18.28 3.63 12.97
C ILE A 461 -19.43 4.36 12.39
N VAL A 462 -20.64 3.82 12.53
CA VAL A 462 -21.83 4.29 11.91
C VAL A 462 -22.14 5.69 12.40
N GLN A 463 -22.05 5.91 13.72
CA GLN A 463 -22.32 7.26 14.25
C GLN A 463 -21.31 8.28 13.72
N TYR A 464 -20.04 7.86 13.61
CA TYR A 464 -18.99 8.74 13.12
C TYR A 464 -19.26 9.11 11.66
N LEU A 465 -19.59 8.11 10.85
CA LEU A 465 -19.84 8.40 9.42
C LEU A 465 -21.05 9.25 9.24
N GLN A 466 -22.12 8.98 10.01
CA GLN A 466 -23.34 9.78 9.85
C GLN A 466 -23.13 11.22 10.31
N LYS A 467 -22.50 11.41 11.46
CA LYS A 467 -22.31 12.76 12.02
C LYS A 467 -21.44 13.62 11.14
N HIS A 468 -20.40 13.02 10.54
CA HIS A 468 -19.43 13.79 9.80
C HIS A 468 -19.58 13.67 8.28
N SER A 469 -20.71 13.15 7.80
CA SER A 469 -20.93 13.03 6.37
C SER A 469 -20.77 14.36 5.65
N TYR A 470 -20.00 14.32 4.55
CA TYR A 470 -19.72 15.49 3.70
C TYR A 470 -18.92 16.55 4.42
N LYS A 471 -18.18 16.14 5.47
CA LYS A 471 -17.36 17.06 6.27
C LYS A 471 -15.99 16.41 6.53
N ASN A 472 -15.19 17.03 7.41
CA ASN A 472 -13.85 16.55 7.69
C ASN A 472 -13.68 16.29 9.17
N THR A 473 -12.79 15.35 9.47
CA THR A 473 -12.57 14.96 10.87
C THR A 473 -11.10 14.97 11.29
N LYS A 474 -10.86 14.95 12.60
CA LYS A 474 -9.55 14.78 13.18
C LYS A 474 -9.66 13.59 14.12
N ASN A 475 -8.54 13.13 14.66
CA ASN A 475 -8.59 11.98 15.60
C ASN A 475 -9.59 12.03 16.67
N GLU A 476 -9.65 13.17 17.33
CA GLU A 476 -10.54 13.31 18.47
C GLU A 476 -12.01 13.06 18.12
N ASP A 477 -12.42 13.31 16.85
CA ASP A 477 -13.80 13.03 16.47
C ASP A 477 -14.06 11.54 16.51
N LEU A 478 -13.08 10.71 16.10
CA LEU A 478 -13.26 9.29 16.07
C LEU A 478 -13.39 8.79 17.50
N TRP A 479 -12.55 9.29 18.44
CA TRP A 479 -12.67 8.83 19.82
C TRP A 479 -13.99 9.24 20.40
N ASP A 480 -14.44 10.45 20.11
CA ASP A 480 -15.72 10.94 20.63
C ASP A 480 -16.85 10.05 20.15
N SER A 481 -16.82 9.66 18.85
CA SER A 481 -17.87 8.79 18.32
C SER A 481 -17.86 7.43 18.96
N MET A 482 -16.66 6.85 19.12
CA MET A 482 -16.52 5.52 19.67
C MET A 482 -17.01 5.49 21.10
N ALA A 483 -16.80 6.58 21.88
CA ALA A 483 -17.24 6.66 23.29
C ALA A 483 -18.72 7.01 23.44
N SER A 484 -19.36 7.56 22.40
CA SER A 484 -20.77 7.94 22.47
C SER A 484 -21.73 6.73 22.50
N ILE A 485 -21.23 5.51 22.29
CA ILE A 485 -22.04 4.30 22.21
C ILE A 485 -22.45 3.72 23.57
N GLY A 488 -23.41 6.46 27.05
CA GLY A 488 -21.99 6.71 27.25
C GLY A 488 -21.23 5.43 27.49
N GLY A 489 -20.47 5.02 26.49
CA GLY A 489 -19.71 3.79 26.58
C GLY A 489 -18.33 3.96 27.18
N VAL A 490 -17.47 3.02 26.87
CA VAL A 490 -16.11 3.02 27.38
C VAL A 490 -15.36 4.15 26.70
N ASP A 491 -14.68 4.97 27.50
CA ASP A 491 -13.91 6.06 26.95
C ASP A 491 -12.60 5.45 26.46
N VAL A 492 -12.26 5.84 25.23
CA VAL A 492 -11.29 5.36 24.25
C VAL A 492 -10.18 6.44 24.05
N LYS A 493 -10.43 7.70 24.42
CA LYS A 493 -9.48 8.78 24.11
C LYS A 493 -8.11 8.60 24.70
N THR A 494 -7.99 8.34 26.03
CA THR A 494 -6.66 8.20 26.60
C THR A 494 -5.90 7.00 25.97
N MET A 495 -6.61 5.91 25.81
CA MET A 495 -6.01 4.70 25.22
C MET A 495 -5.56 4.97 23.80
N MET A 496 -6.48 5.52 22.99
CA MET A 496 -6.13 5.65 21.57
C MET A 496 -5.17 6.77 21.29
N ASN A 497 -5.04 7.75 22.18
CA ASN A 497 -3.98 8.73 22.04
C ASN A 497 -2.61 8.06 22.25
N THR A 498 -2.51 7.05 23.17
CA THR A 498 -1.23 6.38 23.33
C THR A 498 -0.80 5.68 22.04
N TRP A 499 -1.77 5.18 21.25
CA TRP A 499 -1.43 4.45 20.02
C TRP A 499 -1.29 5.34 18.81
N THR A 500 -1.75 6.60 18.87
CA THR A 500 -1.68 7.50 17.69
C THR A 500 -0.73 8.65 17.84
N LEU A 501 -0.36 9.03 19.09
CA LEU A 501 0.50 10.19 19.29
C LEU A 501 1.93 9.87 19.73
N GLN A 502 2.24 8.60 19.94
CA GLN A 502 3.57 8.11 20.30
C GLN A 502 3.98 7.17 19.21
N ARG A 503 5.25 7.23 18.79
CA ARG A 503 5.74 6.23 17.84
C ARG A 503 5.86 4.86 18.55
N GLY A 504 6.01 3.82 17.77
CA GLY A 504 6.41 2.54 18.29
C GLY A 504 5.35 1.74 18.99
N PHE A 505 5.82 0.71 19.69
CA PHE A 505 4.90 -0.17 20.39
C PHE A 505 5.66 -0.76 21.57
N PRO A 506 4.92 -1.37 22.51
CA PRO A 506 5.57 -1.93 23.68
C PRO A 506 5.97 -3.38 23.55
N LEU A 507 7.00 -3.71 24.31
CA LEU A 507 7.34 -5.06 24.68
C LEU A 507 6.61 -5.31 26.03
N ILE A 508 5.82 -6.38 26.08
CA ILE A 508 5.13 -6.82 27.31
C ILE A 508 5.92 -7.97 27.83
N THR A 509 6.46 -7.86 29.06
CA THR A 509 7.22 -8.98 29.66
C THR A 509 6.36 -9.66 30.71
N ILE A 510 6.29 -10.99 30.59
CA ILE A 510 5.44 -11.82 31.47
C ILE A 510 6.34 -12.68 32.36
N THR A 511 6.07 -12.68 33.67
CA THR A 511 6.83 -13.51 34.60
C THR A 511 5.81 -14.26 35.45
N VAL A 512 5.85 -15.58 35.42
CA VAL A 512 4.88 -16.44 36.10
C VAL A 512 5.52 -17.09 37.29
N ARG A 513 4.89 -16.96 38.46
CA ARG A 513 5.38 -17.64 39.66
C ARG A 513 4.16 -18.29 40.27
N GLY A 514 3.96 -19.56 39.97
CA GLY A 514 2.74 -20.25 40.38
C GLY A 514 1.52 -19.62 39.72
N ARG A 515 0.56 -19.17 40.52
CA ARG A 515 -0.63 -18.52 39.99
C ARG A 515 -0.41 -17.02 39.71
N ASN A 516 0.72 -16.45 40.15
CA ASN A 516 0.97 -15.03 40.01
C ASN A 516 1.56 -14.72 38.64
N VAL A 517 0.86 -13.86 37.85
CA VAL A 517 1.35 -13.46 36.54
C VAL A 517 1.64 -11.98 36.61
N HIS A 518 2.95 -11.67 36.54
CA HIS A 518 3.41 -10.30 36.60
C HIS A 518 3.58 -9.79 35.18
N MET A 519 3.10 -8.56 34.94
CA MET A 519 3.18 -7.97 33.61
C MET A 519 3.94 -6.64 33.69
N LYS A 520 4.79 -6.36 32.70
CA LYS A 520 5.45 -5.07 32.61
C LYS A 520 5.39 -4.64 31.15
N GLN A 521 5.39 -3.34 30.93
CA GLN A 521 5.53 -2.81 29.56
C GLN A 521 6.70 -1.86 29.47
N GLU A 522 7.34 -1.86 28.31
CA GLU A 522 8.40 -0.89 27.99
C GLU A 522 8.42 -0.67 26.51
N HIS A 523 8.96 0.45 26.04
CA HIS A 523 9.04 0.66 24.57
C HIS A 523 9.96 -0.35 23.91
N TYR A 524 9.49 -1.07 22.87
CA TYR A 524 10.36 -1.95 22.12
C TYR A 524 11.13 -1.09 21.08
N MET A 525 12.46 -1.09 21.12
CA MET A 525 13.18 -0.32 20.11
C MET A 525 14.50 -0.98 19.78
N LYS A 526 14.82 -1.02 18.49
CA LYS A 526 16.12 -1.55 18.08
C LYS A 526 17.15 -0.39 18.18
N GLY A 527 18.38 -0.72 18.55
CA GLY A 527 19.43 0.31 18.68
C GLY A 527 19.39 1.11 19.97
N GLY A 535 10.28 6.39 28.68
CA GLY A 535 9.12 7.17 29.14
C GLY A 535 7.82 6.60 28.64
N TYR A 536 7.79 6.16 27.40
CA TYR A 536 6.63 5.62 26.70
C TYR A 536 5.70 4.77 27.57
N LEU A 537 4.39 4.98 27.45
CA LEU A 537 3.42 4.16 28.17
C LEU A 537 2.20 4.04 27.30
N TRP A 538 1.62 2.86 27.23
CA TRP A 538 0.41 2.64 26.46
C TRP A 538 -0.70 2.05 27.34
N HIS A 539 -1.94 2.16 26.88
CA HIS A 539 -3.03 1.37 27.44
C HIS A 539 -3.14 0.17 26.53
N VAL A 540 -2.68 -0.99 27.02
CA VAL A 540 -2.57 -2.18 26.20
C VAL A 540 -3.65 -3.16 26.52
N PRO A 541 -4.55 -3.44 25.58
CA PRO A 541 -5.59 -4.45 25.85
C PRO A 541 -4.97 -5.83 25.65
N LEU A 542 -4.49 -6.44 26.73
CA LEU A 542 -3.88 -7.74 26.63
C LEU A 542 -4.88 -8.83 26.53
N THR A 543 -4.46 -9.94 25.90
CA THR A 543 -5.25 -11.15 25.86
C THR A 543 -4.34 -12.32 26.12
N PHE A 544 -4.88 -13.40 26.68
CA PHE A 544 -4.08 -14.61 26.88
C PHE A 544 -4.96 -15.84 26.92
N ILE A 545 -4.33 -16.96 26.63
CA ILE A 545 -4.84 -18.31 26.83
C ILE A 545 -3.80 -19.06 27.64
N THR A 546 -4.19 -20.22 28.20
CA THR A 546 -3.24 -21.03 28.97
C THR A 546 -3.44 -22.51 28.65
N SER A 547 -2.59 -23.37 29.24
CA SER A 547 -2.76 -24.81 29.09
C SER A 547 -4.06 -25.31 29.65
N LYS A 548 -4.68 -24.55 30.56
CA LYS A 548 -5.95 -24.94 31.18
C LYS A 548 -7.15 -24.26 30.64
N SER A 549 -6.99 -23.20 29.85
CA SER A 549 -8.15 -22.48 29.33
C SER A 549 -7.88 -21.91 27.97
N ASP A 550 -8.69 -22.27 26.97
CA ASP A 550 -8.56 -21.66 25.66
C ASP A 550 -9.59 -20.57 25.41
N MET A 551 -10.30 -20.14 26.47
CA MET A 551 -11.11 -18.93 26.38
C MET A 551 -10.10 -17.75 26.26
N VAL A 552 -10.44 -16.73 25.47
CA VAL A 552 -9.54 -15.56 25.41
C VAL A 552 -9.79 -14.70 26.64
N HIS A 553 -8.81 -14.63 27.52
CA HIS A 553 -8.91 -13.81 28.70
C HIS A 553 -8.38 -12.45 28.42
N ARG A 554 -9.01 -11.46 29.00
CA ARG A 554 -8.61 -10.07 28.73
CA ARG A 554 -8.67 -10.07 28.74
C ARG A 554 -8.10 -9.36 29.98
N PHE A 555 -7.10 -8.49 29.77
CA PHE A 555 -6.59 -7.70 30.90
C PHE A 555 -6.12 -6.39 30.31
N LEU A 556 -6.61 -5.25 30.80
CA LEU A 556 -6.15 -3.96 30.27
C LEU A 556 -4.96 -3.45 31.11
N LEU A 557 -3.77 -3.40 30.49
CA LEU A 557 -2.57 -2.92 31.20
C LEU A 557 -2.41 -1.46 30.89
N LYS A 558 -2.70 -0.61 31.84
CA LYS A 558 -2.62 0.86 31.61
C LYS A 558 -1.40 1.47 32.25
N THR A 559 -0.57 0.68 32.91
CA THR A 559 0.51 1.16 33.75
C THR A 559 1.77 0.43 33.43
N LYS A 560 2.89 0.86 34.05
CA LYS A 560 4.17 0.21 33.79
C LYS A 560 4.14 -1.25 34.16
N THR A 561 3.53 -1.55 35.32
CA THR A 561 3.41 -2.95 35.72
C THR A 561 2.02 -3.23 36.27
N ASP A 562 1.70 -4.53 36.35
CA ASP A 562 0.47 -4.95 37.01
C ASP A 562 0.63 -6.44 37.31
N VAL A 563 -0.40 -7.01 37.93
CA VAL A 563 -0.38 -8.42 38.28
C VAL A 563 -1.77 -8.96 38.13
N LEU A 564 -1.86 -10.22 37.73
CA LEU A 564 -3.14 -10.95 37.77
C LEU A 564 -2.87 -12.31 38.36
N ILE A 565 -3.90 -12.91 38.96
CA ILE A 565 -3.76 -14.22 39.60
C ILE A 565 -4.58 -15.26 38.83
N LEU A 566 -3.93 -16.26 38.30
CA LEU A 566 -4.65 -17.33 37.59
C LEU A 566 -5.45 -18.13 38.60
N PRO A 567 -6.53 -18.75 38.16
CA PRO A 567 -7.36 -19.55 39.11
C PRO A 567 -6.63 -20.76 39.63
N GLU A 568 -5.73 -21.33 38.82
CA GLU A 568 -4.96 -22.52 39.11
C GLU A 568 -3.65 -22.40 38.34
N GLU A 569 -2.60 -23.08 38.81
CA GLU A 569 -1.32 -23.09 38.08
C GLU A 569 -1.50 -23.72 36.70
N VAL A 570 -0.69 -23.27 35.73
CA VAL A 570 -0.75 -23.74 34.35
C VAL A 570 0.66 -24.20 33.91
N GLU A 571 0.70 -24.96 32.82
CA GLU A 571 1.95 -25.44 32.24
C GLU A 571 2.55 -24.40 31.31
N TRP A 572 1.73 -23.52 30.74
CA TRP A 572 2.17 -22.47 29.85
C TRP A 572 1.06 -21.46 29.74
N ILE A 573 1.44 -20.25 29.36
CA ILE A 573 0.53 -19.15 29.14
C ILE A 573 0.99 -18.43 27.87
N LYS A 574 0.04 -18.01 27.02
CA LYS A 574 0.41 -17.38 25.76
C LYS A 574 -0.40 -16.10 25.61
N PHE A 575 0.29 -14.97 25.62
CA PHE A 575 -0.33 -13.66 25.47
C PHE A 575 -0.41 -13.25 23.99
N ASN A 576 -1.31 -12.33 23.71
CA ASN A 576 -1.57 -11.77 22.38
C ASN A 576 -2.18 -12.81 21.48
N VAL A 577 -3.40 -13.17 21.81
CA VAL A 577 -4.07 -14.30 21.18
C VAL A 577 -4.44 -13.95 19.77
N GLY A 578 -3.97 -14.76 18.83
CA GLY A 578 -4.26 -14.51 17.42
C GLY A 578 -3.42 -13.36 16.90
N MET A 579 -2.50 -12.79 17.68
CA MET A 579 -1.73 -11.61 17.22
C MET A 579 -2.68 -10.47 16.85
N ASN A 580 -3.76 -10.31 17.64
CA ASN A 580 -4.67 -9.20 17.50
C ASN A 580 -4.25 -7.91 18.21
N GLY A 581 -3.16 -7.96 18.94
CA GLY A 581 -2.65 -6.77 19.62
C GLY A 581 -1.34 -6.29 19.01
N TYR A 582 -1.16 -4.93 19.00
CA TYR A 582 0.02 -4.32 18.42
C TYR A 582 1.12 -4.19 19.49
N TYR A 583 1.67 -5.35 19.85
CA TYR A 583 2.73 -5.43 20.84
C TYR A 583 3.44 -6.77 20.74
N ILE A 584 4.57 -6.90 21.35
N ILE A 584 4.71 -6.85 21.24
CA ILE A 584 5.23 -8.16 21.37
CA ILE A 584 5.59 -8.05 21.28
C ILE A 584 5.32 -8.62 22.79
C ILE A 584 5.64 -8.55 22.73
N VAL A 585 5.66 -9.90 22.95
CA VAL A 585 5.68 -10.48 24.28
C VAL A 585 6.95 -11.22 24.52
N HIS A 586 7.54 -11.00 25.68
CA HIS A 586 8.68 -11.76 26.17
C HIS A 586 8.26 -12.51 27.45
N TYR A 587 8.79 -13.68 27.65
CA TYR A 587 8.48 -14.51 28.82
C TYR A 587 9.77 -14.72 29.59
N GLU A 588 9.79 -14.35 30.87
CA GLU A 588 11.02 -14.56 31.66
C GLU A 588 11.14 -16.01 32.11
N ASP A 589 12.33 -16.32 32.69
CA ASP A 589 12.57 -17.61 33.33
C ASP A 589 12.42 -18.77 32.32
N ASP A 590 11.64 -19.82 32.63
CA ASP A 590 11.49 -20.95 31.68
C ASP A 590 10.41 -20.73 30.61
N GLY A 591 9.90 -19.51 30.48
CA GLY A 591 8.78 -19.27 29.57
C GLY A 591 9.05 -19.65 28.13
N TRP A 592 10.19 -19.20 27.60
CA TRP A 592 10.51 -19.54 26.21
C TRP A 592 10.79 -21.02 26.02
N ASP A 593 11.36 -21.68 27.04
CA ASP A 593 11.54 -23.13 26.99
C ASP A 593 10.21 -23.83 26.97
N SER A 594 9.24 -23.36 27.75
CA SER A 594 7.91 -23.97 27.79
CA SER A 594 7.92 -23.96 27.81
C SER A 594 7.19 -23.83 26.46
N LEU A 595 7.29 -22.61 25.86
CA LEU A 595 6.60 -22.43 24.59
C LEU A 595 7.33 -23.14 23.46
N THR A 596 8.67 -23.24 23.53
CA THR A 596 9.43 -24.01 22.55
C THR A 596 9.00 -25.49 22.62
N GLY A 597 8.87 -26.00 23.85
CA GLY A 597 8.43 -27.39 24.05
C GLY A 597 7.02 -27.63 23.54
N LEU A 598 6.13 -26.65 23.72
CA LEU A 598 4.77 -26.75 23.22
C LEU A 598 4.78 -26.85 21.70
N LEU A 599 5.59 -25.98 21.02
CA LEU A 599 5.63 -26.04 19.56
C LEU A 599 6.25 -27.37 19.09
N LYS A 600 7.22 -27.88 19.82
CA LYS A 600 7.88 -29.13 19.40
C LYS A 600 7.05 -30.35 19.63
N GLY A 601 6.28 -30.37 20.69
CA GLY A 601 5.55 -31.56 21.08
C GLY A 601 4.11 -31.63 20.67
N THR A 602 3.40 -30.49 20.74
CA THR A 602 1.97 -30.46 20.44
C THR A 602 1.69 -29.09 19.87
N HIS A 603 2.22 -28.81 18.66
CA HIS A 603 2.09 -27.45 18.10
C HIS A 603 0.67 -27.03 17.88
N THR A 604 -0.26 -27.96 17.65
CA THR A 604 -1.66 -27.59 17.43
C THR A 604 -2.39 -27.20 18.72
N ALA A 605 -1.70 -27.20 19.88
CA ALA A 605 -2.27 -26.70 21.15
C ALA A 605 -2.62 -25.21 21.01
N VAL A 606 -1.98 -24.46 20.07
CA VAL A 606 -2.30 -23.06 19.81
C VAL A 606 -2.56 -22.90 18.29
N SER A 607 -3.28 -21.87 17.93
CA SER A 607 -3.67 -21.65 16.55
C SER A 607 -2.45 -21.37 15.67
N SER A 608 -2.65 -21.52 14.37
CA SER A 608 -1.60 -21.22 13.39
CA SER A 608 -1.59 -21.25 13.39
CA SER A 608 -1.64 -21.24 13.38
C SER A 608 -1.07 -19.81 13.54
N ASN A 609 -1.96 -18.83 13.77
CA ASN A 609 -1.48 -17.46 13.94
C ASN A 609 -0.76 -17.21 15.25
N ASP A 610 -1.12 -17.98 16.28
CA ASP A 610 -0.36 -17.92 17.52
C ASP A 610 1.02 -18.53 17.32
N ARG A 611 1.15 -19.60 16.52
CA ARG A 611 2.50 -20.14 16.27
C ARG A 611 3.30 -19.09 15.45
N ALA A 612 2.67 -18.43 14.47
CA ALA A 612 3.40 -17.38 13.72
C ALA A 612 3.86 -16.26 14.65
N SER A 613 3.01 -15.88 15.63
CA SER A 613 3.40 -14.82 16.54
C SER A 613 4.62 -15.19 17.38
N LEU A 614 4.69 -16.46 17.82
CA LEU A 614 5.85 -16.88 18.64
C LEU A 614 7.12 -16.86 17.80
N ILE A 615 7.04 -17.30 16.51
CA ILE A 615 8.25 -17.29 15.66
C ILE A 615 8.71 -15.83 15.49
N ASN A 616 7.78 -14.92 15.15
CA ASN A 616 8.17 -13.53 14.96
C ASN A 616 8.76 -12.93 16.24
N ASN A 617 8.06 -13.16 17.36
CA ASN A 617 8.50 -12.50 18.58
C ASN A 617 9.82 -13.03 19.05
N ALA A 618 10.08 -14.35 18.91
CA ALA A 618 11.34 -14.90 19.35
C ALA A 618 12.52 -14.21 18.62
N PHE A 619 12.39 -14.05 17.30
CA PHE A 619 13.48 -13.42 16.54
C PHE A 619 13.57 -11.93 16.83
N GLN A 620 12.42 -11.24 17.04
N GLN A 620 12.47 -11.27 17.06
CA GLN A 620 12.45 -9.80 17.41
CA GLN A 620 12.51 -9.85 17.43
C GLN A 620 13.20 -9.63 18.77
C GLN A 620 13.19 -9.62 18.78
N LEU A 621 13.06 -10.61 19.67
CA LEU A 621 13.73 -10.51 20.99
C LEU A 621 15.22 -10.72 20.91
N VAL A 622 15.70 -11.42 19.86
CA VAL A 622 17.16 -11.54 19.66
C VAL A 622 17.73 -10.16 19.39
N SER A 623 16.99 -9.37 18.59
CA SER A 623 17.43 -8.06 18.18
C SER A 623 17.71 -7.14 19.37
N ILE A 624 16.96 -7.29 20.49
CA ILE A 624 17.15 -6.44 21.68
C ILE A 624 17.78 -7.17 22.88
N GLY A 625 18.39 -8.32 22.63
CA GLY A 625 19.16 -9.04 23.63
C GLY A 625 18.36 -9.72 24.71
N LYS A 626 17.05 -9.95 24.45
CA LYS A 626 16.20 -10.64 25.45
C LYS A 626 16.17 -12.16 25.28
N LEU A 627 16.51 -12.65 24.07
CA LEU A 627 16.54 -14.08 23.79
C LEU A 627 17.78 -14.30 22.90
N SER A 628 18.50 -15.38 23.08
CA SER A 628 19.69 -15.61 22.23
C SER A 628 19.25 -16.07 20.84
N ILE A 629 20.13 -15.84 19.85
CA ILE A 629 19.85 -16.33 18.49
C ILE A 629 19.74 -17.85 18.48
N GLU A 630 20.49 -18.55 19.38
CA GLU A 630 20.45 -20.01 19.42
C GLU A 630 19.09 -20.46 19.88
N LYS A 631 18.51 -19.80 20.89
CA LYS A 631 17.20 -20.22 21.38
C LYS A 631 16.10 -19.93 20.33
N ALA A 632 16.21 -18.81 19.60
CA ALA A 632 15.20 -18.52 18.57
C ALA A 632 15.35 -19.54 17.42
N LEU A 633 16.58 -19.86 17.03
CA LEU A 633 16.79 -20.87 15.98
C LEU A 633 16.32 -22.25 16.47
N ASP A 634 16.57 -22.58 17.74
CA ASP A 634 16.06 -23.87 18.29
C ASP A 634 14.54 -23.91 18.23
N LEU A 635 13.87 -22.79 18.51
CA LEU A 635 12.40 -22.76 18.42
C LEU A 635 11.99 -22.99 16.96
N SER A 636 12.75 -22.41 15.98
CA SER A 636 12.35 -22.55 14.59
C SER A 636 12.42 -23.98 14.07
N LEU A 637 13.17 -24.85 14.76
CA LEU A 637 13.26 -26.27 14.37
C LEU A 637 11.90 -26.96 14.35
N TYR A 638 10.92 -26.45 15.12
CA TYR A 638 9.60 -27.10 15.13
C TYR A 638 8.98 -27.05 13.72
N LEU A 639 9.39 -26.08 12.88
CA LEU A 639 8.81 -25.91 11.55
C LEU A 639 8.96 -27.14 10.67
N LYS A 640 9.83 -28.11 11.04
CA LYS A 640 9.90 -29.34 10.25
C LYS A 640 8.53 -30.07 10.22
N HIS A 641 7.66 -29.80 11.20
CA HIS A 641 6.34 -30.44 11.23
C HIS A 641 5.18 -29.46 11.02
N GLU A 642 5.50 -28.21 10.62
CA GLU A 642 4.48 -27.24 10.38
C GLU A 642 3.86 -27.45 9.01
N THR A 643 2.55 -27.25 8.93
CA THR A 643 1.80 -27.42 7.69
C THR A 643 1.14 -26.15 7.22
N GLU A 644 0.94 -25.12 8.09
CA GLU A 644 0.10 -24.02 7.75
C GLU A 644 0.84 -22.81 7.19
N ILE A 645 0.21 -22.16 6.24
CA ILE A 645 0.85 -21.08 5.52
C ILE A 645 1.37 -19.96 6.40
N MET A 646 0.57 -19.48 7.38
CA MET A 646 1.05 -18.31 8.14
C MET A 646 2.31 -18.59 8.95
N PRO A 647 2.40 -19.65 9.76
CA PRO A 647 3.66 -19.88 10.48
C PRO A 647 4.81 -20.24 9.52
N VAL A 648 4.52 -20.98 8.38
CA VAL A 648 5.66 -21.25 7.46
C VAL A 648 6.17 -19.93 6.90
N PHE A 649 5.25 -19.06 6.45
CA PHE A 649 5.67 -17.78 5.90
C PHE A 649 6.34 -16.93 6.94
N GLN A 650 5.90 -16.99 8.20
CA GLN A 650 6.60 -16.22 9.23
C GLN A 650 8.01 -16.74 9.43
N GLY A 651 8.20 -18.05 9.32
CA GLY A 651 9.54 -18.60 9.41
C GLY A 651 10.41 -18.08 8.28
N LEU A 652 9.84 -18.03 7.06
CA LEU A 652 10.60 -17.46 5.92
C LEU A 652 10.90 -15.98 6.19
N ASN A 653 9.92 -15.22 6.72
CA ASN A 653 10.14 -13.81 6.98
C ASN A 653 11.24 -13.54 7.95
N GLU A 654 11.48 -14.45 8.88
CA GLU A 654 12.55 -14.23 9.87
C GLU A 654 13.85 -14.82 9.40
N LEU A 655 13.86 -15.96 8.72
CA LEU A 655 15.11 -16.62 8.36
C LEU A 655 15.70 -16.12 7.03
N ILE A 656 14.84 -15.88 6.03
CA ILE A 656 15.42 -15.48 4.73
C ILE A 656 16.22 -14.18 4.81
N PRO A 657 15.80 -13.14 5.53
CA PRO A 657 16.63 -11.94 5.60
C PRO A 657 18.03 -12.18 6.12
N MET A 658 18.21 -13.22 6.94
CA MET A 658 19.56 -13.50 7.46
C MET A 658 20.51 -13.89 6.34
N TYR A 659 20.04 -14.76 5.40
CA TYR A 659 20.94 -15.11 4.30
C TYR A 659 21.01 -13.98 3.28
N LYS A 660 19.97 -13.09 3.18
CA LYS A 660 20.11 -11.97 2.28
C LYS A 660 21.25 -11.02 2.73
N LEU A 661 21.46 -10.91 4.04
CA LEU A 661 22.60 -10.15 4.53
C LEU A 661 23.90 -10.89 4.13
N MET A 662 23.94 -12.20 4.35
CA MET A 662 25.15 -12.98 4.06
C MET A 662 25.53 -12.91 2.60
N GLU A 663 24.55 -12.89 1.71
CA GLU A 663 24.83 -12.82 0.26
C GLU A 663 25.63 -11.60 -0.16
N LYS A 664 25.57 -10.53 0.66
CA LYS A 664 26.30 -9.31 0.34
C LYS A 664 27.55 -9.16 1.21
N ARG A 665 28.03 -10.27 1.79
CA ARG A 665 29.22 -10.25 2.65
C ARG A 665 30.14 -11.41 2.21
N ASP A 666 31.35 -11.44 2.76
CA ASP A 666 32.32 -12.51 2.46
C ASP A 666 32.04 -13.66 3.41
N MET A 667 30.92 -14.36 3.16
CA MET A 667 30.40 -15.37 4.11
C MET A 667 29.90 -16.58 3.36
N ASN A 668 30.61 -17.00 2.32
CA ASN A 668 30.10 -18.11 1.50
C ASN A 668 29.81 -19.39 2.29
N GLU A 669 30.71 -19.80 3.17
CA GLU A 669 30.54 -21.05 3.86
C GLU A 669 29.27 -21.06 4.72
N VAL A 670 29.10 -20.05 5.58
CA VAL A 670 27.92 -19.95 6.46
C VAL A 670 26.68 -19.69 5.62
N GLU A 671 26.77 -18.90 4.54
CA GLU A 671 25.62 -18.66 3.68
C GLU A 671 25.13 -19.99 3.10
N THR A 672 26.06 -20.82 2.61
CA THR A 672 25.69 -22.10 2.03
C THR A 672 25.04 -23.01 3.09
N GLN A 673 25.64 -23.10 4.27
CA GLN A 673 25.13 -23.98 5.32
C GLN A 673 23.77 -23.46 5.81
N PHE A 674 23.58 -22.13 5.86
CA PHE A 674 22.31 -21.58 6.35
C PHE A 674 21.23 -21.88 5.33
N LYS A 675 21.48 -21.72 4.04
CA LYS A 675 20.49 -22.07 3.02
C LYS A 675 20.16 -23.56 3.01
N ALA A 676 21.17 -24.39 3.23
CA ALA A 676 20.94 -25.84 3.31
C ALA A 676 20.06 -26.18 4.53
N PHE A 677 20.29 -25.49 5.65
CA PHE A 677 19.48 -25.68 6.87
C PHE A 677 18.01 -25.30 6.56
N LEU A 678 17.80 -24.18 5.88
CA LEU A 678 16.42 -23.76 5.59
C LEU A 678 15.70 -24.77 4.70
N ILE A 679 16.38 -25.29 3.67
CA ILE A 679 15.73 -26.27 2.80
C ILE A 679 15.50 -27.58 3.55
N ARG A 680 16.45 -27.99 4.38
CA ARG A 680 16.29 -29.21 5.18
C ARG A 680 15.08 -29.08 6.12
N LEU A 681 14.92 -27.90 6.71
CA LEU A 681 13.84 -27.63 7.65
C LEU A 681 12.48 -27.82 6.98
N LEU A 682 12.35 -27.37 5.75
CA LEU A 682 11.05 -27.41 5.05
C LEU A 682 10.95 -28.52 4.02
N ARG A 683 11.97 -29.39 3.92
CA ARG A 683 12.02 -30.41 2.89
C ARG A 683 10.80 -31.30 2.82
N ASP A 684 10.30 -31.75 3.98
CA ASP A 684 9.13 -32.66 3.93
C ASP A 684 7.92 -31.96 3.36
N LEU A 685 7.74 -30.68 3.72
CA LEU A 685 6.62 -29.91 3.19
C LEU A 685 6.82 -29.62 1.70
N ILE A 686 8.05 -29.32 1.29
CA ILE A 686 8.35 -29.10 -0.13
C ILE A 686 8.03 -30.38 -0.94
N ASP A 687 8.49 -31.54 -0.44
CA ASP A 687 8.29 -32.82 -1.14
C ASP A 687 6.81 -33.19 -1.26
N LYS A 688 5.99 -32.76 -0.30
CA LYS A 688 4.55 -33.07 -0.32
C LYS A 688 3.79 -32.22 -1.36
N GLN A 689 4.42 -31.14 -1.92
CA GLN A 689 3.66 -30.32 -2.84
C GLN A 689 3.41 -30.98 -4.19
N THR A 690 2.18 -30.83 -4.69
CA THR A 690 1.87 -31.31 -6.02
C THR A 690 2.16 -30.17 -6.99
N TRP A 691 2.45 -30.52 -8.22
CA TRP A 691 2.75 -29.54 -9.26
C TRP A 691 1.47 -29.32 -10.05
N THR A 692 0.51 -28.67 -9.36
CA THR A 692 -0.83 -28.45 -9.86
C THR A 692 -1.37 -27.11 -9.31
N ASP A 693 -2.60 -26.74 -9.70
CA ASP A 693 -3.31 -25.61 -9.18
C ASP A 693 -4.43 -26.03 -8.21
N GLU A 694 -4.29 -27.22 -7.59
CA GLU A 694 -5.32 -27.73 -6.69
C GLU A 694 -5.36 -27.03 -5.34
N GLY A 695 -6.52 -27.11 -4.69
CA GLY A 695 -6.66 -26.63 -3.33
C GLY A 695 -7.22 -25.25 -3.16
N SER A 696 -7.25 -24.84 -1.89
CA SER A 696 -7.69 -23.52 -1.51
C SER A 696 -6.65 -22.44 -1.86
N VAL A 697 -6.99 -21.16 -1.75
CA VAL A 697 -6.06 -20.08 -2.05
C VAL A 697 -4.79 -20.20 -1.14
N SER A 698 -4.96 -20.63 0.13
N SER A 698 -4.95 -20.62 0.13
CA SER A 698 -3.82 -20.77 1.02
CA SER A 698 -3.78 -20.75 1.01
C SER A 698 -2.93 -21.91 0.56
C SER A 698 -2.92 -21.92 0.56
N GLU A 699 -3.53 -23.03 0.14
CA GLU A 699 -2.75 -24.17 -0.33
C GLU A 699 -2.00 -23.81 -1.60
N ARG A 700 -2.64 -23.03 -2.49
CA ARG A 700 -1.98 -22.58 -3.70
C ARG A 700 -0.83 -21.64 -3.45
N MET A 701 -1.02 -20.66 -2.57
CA MET A 701 0.06 -19.70 -2.28
C MET A 701 1.22 -20.39 -1.59
N LEU A 702 0.93 -21.34 -0.67
CA LEU A 702 1.99 -22.07 -0.01
C LEU A 702 2.78 -22.90 -1.02
N ARG A 703 2.07 -23.60 -1.91
CA ARG A 703 2.75 -24.39 -2.92
C ARG A 703 3.69 -23.56 -3.77
N SER A 704 3.16 -22.46 -4.31
CA SER A 704 3.98 -21.63 -5.24
C SER A 704 5.24 -21.13 -4.58
N GLN A 705 5.09 -20.65 -3.32
CA GLN A 705 6.25 -20.09 -2.62
C GLN A 705 7.28 -21.15 -2.30
N LEU A 706 6.83 -22.34 -1.89
CA LEU A 706 7.75 -23.39 -1.55
C LEU A 706 8.47 -23.92 -2.75
N LEU A 707 7.77 -24.12 -3.87
CA LEU A 707 8.47 -24.63 -5.07
C LEU A 707 9.48 -23.60 -5.57
N LEU A 708 9.13 -22.31 -5.53
CA LEU A 708 10.07 -21.27 -5.98
C LEU A 708 11.30 -21.26 -5.06
N LEU A 709 11.07 -21.34 -3.75
CA LEU A 709 12.19 -21.33 -2.79
C LEU A 709 13.11 -22.53 -3.05
N ALA A 710 12.53 -23.71 -3.18
CA ALA A 710 13.33 -24.92 -3.43
C ALA A 710 14.14 -24.81 -4.71
N CYS A 711 13.52 -24.33 -5.79
CA CYS A 711 14.25 -24.23 -7.06
C CYS A 711 15.33 -23.21 -6.99
N VAL A 712 15.08 -22.03 -6.39
CA VAL A 712 16.11 -21.01 -6.23
C VAL A 712 17.32 -21.55 -5.45
N HIS A 713 17.10 -22.44 -4.51
CA HIS A 713 18.20 -22.98 -3.72
C HIS A 713 18.76 -24.32 -4.25
N ASN A 714 18.45 -24.63 -5.53
N ASN A 714 18.50 -24.64 -5.51
CA ASN A 714 18.94 -25.75 -6.34
CA ASN A 714 19.10 -25.83 -6.13
C ASN A 714 18.60 -27.10 -5.77
C ASN A 714 18.70 -27.14 -5.47
N TYR A 715 17.45 -27.23 -5.05
CA TYR A 715 16.95 -28.50 -4.49
C TYR A 715 16.62 -29.36 -5.73
N GLN A 716 17.53 -30.30 -6.05
CA GLN A 716 17.46 -31.04 -7.30
C GLN A 716 16.13 -31.69 -7.65
N PRO A 717 15.35 -32.29 -6.74
CA PRO A 717 14.03 -32.81 -7.15
C PRO A 717 13.13 -31.75 -7.77
N CYS A 718 13.16 -30.54 -7.19
CA CYS A 718 12.33 -29.48 -7.73
C CYS A 718 12.94 -28.87 -9.01
N VAL A 719 14.27 -28.66 -9.04
CA VAL A 719 14.93 -28.13 -10.25
C VAL A 719 14.68 -29.04 -11.47
N GLN A 720 14.79 -30.36 -11.26
CA GLN A 720 14.62 -31.29 -12.39
C GLN A 720 13.19 -31.26 -12.93
N ARG A 721 12.22 -31.17 -12.01
CA ARG A 721 10.85 -31.11 -12.42
C ARG A 721 10.58 -29.78 -13.17
N ALA A 722 11.14 -28.67 -12.65
CA ALA A 722 10.95 -27.38 -13.28
C ALA A 722 11.61 -27.30 -14.67
N GLU A 723 12.78 -27.89 -14.80
CA GLU A 723 13.47 -27.92 -16.09
C GLU A 723 12.66 -28.69 -17.13
N GLY A 724 11.98 -29.78 -16.70
CA GLY A 724 11.16 -30.58 -17.60
C GLY A 724 9.95 -29.83 -18.08
N TYR A 725 9.25 -29.10 -17.16
CA TYR A 725 8.13 -28.28 -17.56
C TYR A 725 8.62 -27.18 -18.49
N PHE A 726 9.76 -26.51 -18.17
CA PHE A 726 10.20 -25.40 -19.02
C PHE A 726 10.55 -25.88 -20.43
N ARG A 727 11.24 -27.02 -20.53
CA ARG A 727 11.63 -27.59 -21.84
C ARG A 727 10.40 -27.94 -22.63
N LYS A 728 9.42 -28.60 -22.00
CA LYS A 728 8.18 -28.97 -22.69
C LYS A 728 7.36 -27.76 -23.10
N TRP A 729 7.32 -26.74 -22.23
CA TRP A 729 6.62 -25.53 -22.54
C TRP A 729 7.32 -24.81 -23.73
N LYS A 730 8.65 -24.66 -23.68
CA LYS A 730 9.40 -23.99 -24.74
C LYS A 730 9.28 -24.77 -26.09
N GLU A 731 9.40 -26.10 -26.04
CA GLU A 731 9.30 -26.94 -27.26
C GLU A 731 7.92 -26.88 -27.89
N SER A 732 6.88 -26.63 -27.07
CA SER A 732 5.53 -26.46 -27.57
C SER A 732 5.28 -25.02 -28.06
N ASN A 733 6.33 -24.16 -28.09
CA ASN A 733 6.26 -22.75 -28.40
C ASN A 733 5.33 -22.01 -27.44
N GLY A 734 5.33 -22.43 -26.18
CA GLY A 734 4.49 -21.81 -25.15
C GLY A 734 3.03 -22.18 -25.24
N GLN A 735 2.63 -23.09 -26.16
CA GLN A 735 1.21 -23.49 -26.27
C GLN A 735 0.72 -24.07 -24.95
N LEU A 736 1.41 -25.12 -24.46
CA LEU A 736 1.20 -25.85 -23.22
C LEU A 736 0.85 -24.95 -22.02
N SER A 737 -0.37 -25.07 -21.47
CA SER A 737 -0.74 -24.32 -20.26
C SER A 737 -0.03 -25.03 -19.09
N LEU A 738 0.73 -24.28 -18.36
CA LEU A 738 1.45 -24.77 -17.19
C LEU A 738 0.55 -24.50 -16.02
N PRO A 739 0.65 -25.26 -14.90
CA PRO A 739 -0.09 -24.84 -13.70
C PRO A 739 0.42 -23.47 -13.28
N VAL A 740 -0.48 -22.53 -13.00
CA VAL A 740 -0.03 -21.21 -12.58
C VAL A 740 0.86 -21.26 -11.33
N ASP A 741 0.53 -22.20 -10.43
CA ASP A 741 1.23 -22.26 -9.14
C ASP A 741 2.65 -22.72 -9.22
N VAL A 742 3.04 -23.37 -10.34
CA VAL A 742 4.42 -23.77 -10.53
C VAL A 742 5.14 -22.85 -11.50
N THR A 743 4.42 -21.87 -12.12
CA THR A 743 5.01 -21.05 -13.14
C THR A 743 6.20 -20.21 -12.63
N LEU A 744 6.12 -19.63 -11.41
CA LEU A 744 7.28 -18.86 -10.92
C LEU A 744 8.53 -19.73 -10.83
N ALA A 745 8.39 -20.95 -10.27
CA ALA A 745 9.53 -21.86 -10.18
C ALA A 745 10.02 -22.25 -11.59
N VAL A 746 9.10 -22.59 -12.48
CA VAL A 746 9.47 -23.04 -13.83
C VAL A 746 10.16 -21.94 -14.60
N PHE A 747 9.59 -20.74 -14.59
CA PHE A 747 10.22 -19.64 -15.31
C PHE A 747 11.56 -19.23 -14.65
N ALA A 748 11.65 -19.26 -13.30
CA ALA A 748 12.90 -18.87 -12.66
C ALA A 748 14.02 -19.80 -13.03
N VAL A 749 13.71 -21.09 -13.12
CA VAL A 749 14.71 -22.06 -13.52
C VAL A 749 15.03 -21.88 -15.01
N GLY A 750 14.00 -21.74 -15.84
CA GLY A 750 14.22 -21.65 -17.29
C GLY A 750 15.04 -20.44 -17.69
N ALA A 751 14.86 -19.30 -16.99
CA ALA A 751 15.58 -18.10 -17.38
C ALA A 751 17.05 -18.08 -16.98
N GLN A 752 17.55 -19.16 -16.38
CA GLN A 752 18.97 -19.30 -15.96
C GLN A 752 19.95 -19.59 -17.12
N SER A 753 19.42 -19.97 -18.28
CA SER A 753 20.28 -20.15 -19.44
C SER A 753 19.97 -19.00 -20.35
N THR A 754 20.93 -18.72 -21.26
CA THR A 754 20.72 -17.64 -22.19
C THR A 754 19.55 -17.95 -23.14
N GLU A 755 19.45 -19.19 -23.64
CA GLU A 755 18.32 -19.53 -24.50
C GLU A 755 16.97 -19.41 -23.79
N GLY A 756 16.93 -19.80 -22.52
CA GLY A 756 15.67 -19.77 -21.77
C GLY A 756 15.26 -18.35 -21.43
N TRP A 757 16.23 -17.53 -21.04
CA TRP A 757 15.98 -16.10 -20.75
C TRP A 757 15.41 -15.40 -22.01
N ASP A 758 16.10 -15.62 -23.14
CA ASP A 758 15.65 -15.02 -24.39
C ASP A 758 14.27 -15.50 -24.80
N PHE A 759 14.00 -16.79 -24.65
CA PHE A 759 12.68 -17.33 -25.03
C PHE A 759 11.60 -16.73 -24.15
N LEU A 760 11.85 -16.69 -22.83
CA LEU A 760 10.88 -16.14 -21.91
C LEU A 760 10.60 -14.66 -22.21
N TYR A 761 11.66 -13.87 -22.46
CA TYR A 761 11.46 -12.48 -22.79
C TYR A 761 10.68 -12.34 -24.11
N SER A 762 10.93 -13.24 -25.08
CA SER A 762 10.18 -13.18 -26.35
C SER A 762 8.68 -13.33 -26.20
N LYS A 763 8.21 -14.00 -25.14
CA LYS A 763 6.77 -14.21 -24.93
C LYS A 763 6.12 -13.00 -24.18
N TYR A 764 6.94 -12.21 -23.50
CA TYR A 764 6.46 -11.09 -22.69
C TYR A 764 5.68 -10.09 -23.53
N GLN A 765 6.16 -9.73 -24.75
CA GLN A 765 5.43 -8.73 -25.54
C GLN A 765 4.03 -9.12 -25.96
N PHE A 766 3.72 -10.39 -26.01
CA PHE A 766 2.40 -10.82 -26.44
C PHE A 766 1.45 -11.00 -25.29
N SER A 767 1.94 -11.03 -24.03
CA SER A 767 1.07 -11.40 -22.94
C SER A 767 0.09 -10.30 -22.61
N LEU A 768 -1.15 -10.71 -22.35
CA LEU A 768 -2.19 -9.83 -21.85
C LEU A 768 -2.44 -10.12 -20.34
N SER A 769 -1.70 -11.06 -19.75
CA SER A 769 -1.92 -11.45 -18.36
C SER A 769 -0.99 -10.69 -17.42
N SER A 770 -1.57 -9.98 -16.43
CA SER A 770 -0.70 -9.27 -15.50
C SER A 770 0.12 -10.26 -14.67
N THR A 771 -0.48 -11.41 -14.27
CA THR A 771 0.32 -12.41 -13.55
C THR A 771 1.46 -12.94 -14.37
N GLU A 772 1.20 -13.32 -15.64
CA GLU A 772 2.29 -13.86 -16.44
C GLU A 772 3.39 -12.82 -16.62
N LYS A 773 3.02 -11.56 -16.86
CA LYS A 773 4.04 -10.52 -17.05
C LYS A 773 4.86 -10.35 -15.77
N SER A 774 4.19 -10.39 -14.60
CA SER A 774 4.89 -10.31 -13.31
CA SER A 774 4.91 -10.30 -13.33
C SER A 774 5.82 -11.50 -13.14
N GLN A 775 5.36 -12.70 -13.47
CA GLN A 775 6.17 -13.91 -13.28
C GLN A 775 7.38 -13.88 -14.21
N ILE A 776 7.20 -13.39 -15.46
CA ILE A 776 8.35 -13.29 -16.37
C ILE A 776 9.33 -12.25 -15.82
N GLU A 777 8.80 -11.08 -15.35
CA GLU A 777 9.73 -10.06 -14.82
C GLU A 777 10.54 -10.64 -13.66
N PHE A 778 9.88 -11.39 -12.76
CA PHE A 778 10.59 -11.93 -11.59
C PHE A 778 11.71 -12.87 -12.06
N ALA A 779 11.35 -13.79 -12.99
CA ALA A 779 12.32 -14.77 -13.47
C ALA A 779 13.47 -14.10 -14.18
N LEU A 780 13.17 -13.10 -15.07
CA LEU A 780 14.27 -12.45 -15.80
C LEU A 780 15.23 -11.77 -14.83
N CYS A 781 14.69 -11.25 -13.72
CA CYS A 781 15.50 -10.56 -12.72
C CYS A 781 16.38 -11.48 -11.90
N ARG A 782 16.20 -12.83 -12.03
CA ARG A 782 17.05 -13.77 -11.34
C ARG A 782 18.26 -14.15 -12.17
N THR A 783 18.39 -13.64 -13.40
CA THR A 783 19.59 -13.96 -14.19
C THR A 783 20.84 -13.52 -13.47
N GLN A 784 21.90 -14.27 -13.70
CA GLN A 784 23.20 -13.90 -13.16
C GLN A 784 24.13 -13.30 -14.22
N ASN A 785 23.56 -12.87 -15.34
CA ASN A 785 24.27 -12.19 -16.42
C ASN A 785 24.08 -10.69 -16.17
N LYS A 786 25.13 -10.01 -15.80
CA LYS A 786 25.00 -8.59 -15.43
C LYS A 786 24.62 -7.70 -16.59
N GLU A 787 24.94 -8.07 -17.84
CA GLU A 787 24.50 -7.27 -18.97
C GLU A 787 22.95 -7.33 -19.07
N LYS A 788 22.37 -8.52 -18.83
CA LYS A 788 20.90 -8.68 -18.87
C LYS A 788 20.24 -7.93 -17.70
N LEU A 789 20.90 -7.91 -16.52
CA LEU A 789 20.34 -7.17 -15.38
C LEU A 789 20.36 -5.70 -15.67
N GLN A 790 21.46 -5.19 -16.24
CA GLN A 790 21.53 -3.75 -16.54
C GLN A 790 20.50 -3.41 -17.61
N TRP A 791 20.27 -4.32 -18.57
CA TRP A 791 19.29 -4.09 -19.62
C TRP A 791 17.89 -3.97 -19.01
N LEU A 792 17.57 -4.84 -18.03
CA LEU A 792 16.23 -4.76 -17.40
C LEU A 792 16.06 -3.42 -16.72
N LEU A 793 17.10 -2.94 -16.05
CA LEU A 793 17.00 -1.61 -15.39
C LEU A 793 16.86 -0.53 -16.44
N ASP A 794 17.70 -0.54 -17.47
CA ASP A 794 17.64 0.52 -18.49
C ASP A 794 16.29 0.52 -19.21
N GLU A 795 15.81 -0.67 -19.54
CA GLU A 795 14.59 -0.74 -20.34
C GLU A 795 13.33 -0.44 -19.56
N SER A 796 13.24 -0.90 -18.32
CA SER A 796 12.07 -0.54 -17.52
C SER A 796 12.12 0.92 -17.14
N PHE A 797 13.32 1.49 -16.94
CA PHE A 797 13.43 2.94 -16.65
C PHE A 797 12.89 3.73 -17.88
N LYS A 798 13.23 3.28 -19.09
CA LYS A 798 12.81 3.95 -20.33
C LYS A 798 11.32 3.78 -20.58
N GLY A 799 10.78 2.60 -20.27
CA GLY A 799 9.33 2.35 -20.32
C GLY A 799 8.71 1.85 -21.62
N ASP A 800 9.53 1.57 -22.61
CA ASP A 800 9.09 1.12 -23.94
CA ASP A 800 9.02 1.10 -23.90
C ASP A 800 8.82 -0.40 -23.93
N LYS A 801 9.86 -1.20 -23.66
CA LYS A 801 9.73 -2.67 -23.71
C LYS A 801 9.10 -3.22 -22.44
N ILE A 802 9.42 -2.58 -21.31
CA ILE A 802 8.87 -2.92 -20.00
C ILE A 802 8.42 -1.58 -19.46
N LYS A 803 7.17 -1.49 -18.99
CA LYS A 803 6.67 -0.20 -18.53
C LYS A 803 7.35 0.30 -17.26
N THR A 804 7.50 1.64 -17.17
CA THR A 804 8.14 2.23 -16.00
C THR A 804 7.37 1.97 -14.71
N GLN A 805 6.07 1.65 -14.81
CA GLN A 805 5.34 1.30 -13.58
C GLN A 805 5.89 0.05 -12.92
N GLU A 806 6.66 -0.77 -13.68
CA GLU A 806 7.31 -1.95 -13.11
C GLU A 806 8.73 -1.69 -12.61
N PHE A 807 9.28 -0.51 -12.95
CA PHE A 807 10.66 -0.23 -12.55
C PHE A 807 10.91 -0.32 -11.05
N PRO A 808 10.06 0.19 -10.15
CA PRO A 808 10.39 0.09 -8.73
C PRO A 808 10.54 -1.37 -8.29
N GLN A 809 9.65 -2.24 -8.76
CA GLN A 809 9.74 -3.63 -8.35
C GLN A 809 10.97 -4.28 -8.97
N ILE A 810 11.24 -4.02 -10.25
CA ILE A 810 12.40 -4.60 -10.89
C ILE A 810 13.69 -4.14 -10.21
N LEU A 811 13.76 -2.86 -9.81
CA LEU A 811 14.98 -2.37 -9.15
C LEU A 811 15.18 -3.12 -7.82
N THR A 812 14.11 -3.35 -7.04
CA THR A 812 14.29 -4.08 -5.77
C THR A 812 14.61 -5.54 -6.05
N LEU A 813 13.99 -6.17 -7.06
CA LEU A 813 14.31 -7.59 -7.33
C LEU A 813 15.80 -7.71 -7.73
N ILE A 814 16.30 -6.75 -8.54
CA ILE A 814 17.72 -6.83 -8.90
C ILE A 814 18.61 -6.47 -7.71
N GLY A 815 18.14 -5.59 -6.83
CA GLY A 815 18.84 -5.28 -5.59
C GLY A 815 18.92 -6.47 -4.66
N ARG A 816 18.04 -7.48 -4.86
CA ARG A 816 18.06 -8.69 -4.04
C ARG A 816 18.71 -9.87 -4.76
N ASN A 817 19.15 -9.69 -6.01
CA ASN A 817 19.81 -10.77 -6.76
C ASN A 817 21.18 -10.97 -6.17
N PRO A 818 21.57 -12.21 -5.87
CA PRO A 818 22.87 -12.44 -5.19
C PRO A 818 24.10 -12.06 -5.96
N VAL A 819 24.03 -11.94 -7.30
CA VAL A 819 25.23 -11.53 -8.04
C VAL A 819 25.15 -10.08 -8.46
N GLY A 820 23.98 -9.62 -8.81
CA GLY A 820 23.83 -8.30 -9.38
C GLY A 820 23.34 -7.22 -8.44
N TYR A 821 23.20 -7.54 -7.13
CA TYR A 821 22.69 -6.50 -6.23
C TYR A 821 23.41 -5.15 -6.27
N PRO A 822 24.75 -5.02 -6.49
CA PRO A 822 25.34 -3.67 -6.52
C PRO A 822 24.77 -2.79 -7.63
N LEU A 823 24.32 -3.41 -8.73
CA LEU A 823 23.81 -2.65 -9.90
C LEU A 823 22.60 -1.83 -9.56
N ALA A 824 21.78 -2.29 -8.65
CA ALA A 824 20.54 -1.58 -8.34
C ALA A 824 20.80 -0.29 -7.55
N TRP A 825 21.57 -0.40 -6.46
CA TRP A 825 21.96 0.80 -5.72
C TRP A 825 22.73 1.76 -6.62
N GLN A 826 23.61 1.25 -7.47
CA GLN A 826 24.31 2.09 -8.40
C GLN A 826 23.36 2.85 -9.36
N PHE A 827 22.36 2.15 -9.89
CA PHE A 827 21.43 2.75 -10.82
C PHE A 827 20.62 3.82 -10.12
N LEU A 828 20.18 3.55 -8.88
CA LEU A 828 19.42 4.54 -8.14
C LEU A 828 20.23 5.84 -7.95
N ARG A 829 21.51 5.70 -7.56
CA ARG A 829 22.33 6.91 -7.37
C ARG A 829 22.52 7.68 -8.67
N LYS A 830 22.80 6.96 -9.76
CA LYS A 830 23.10 7.64 -11.02
C LYS A 830 21.89 8.30 -11.65
N ASN A 831 20.72 7.71 -11.48
CA ASN A 831 19.49 8.16 -12.12
C ASN A 831 18.53 8.79 -11.14
N TRP A 832 19.01 9.20 -9.96
CA TRP A 832 18.15 9.75 -8.92
C TRP A 832 17.25 10.88 -9.42
N ASN A 833 17.83 11.88 -10.11
CA ASN A 833 16.99 13.03 -10.48
C ASN A 833 15.84 12.69 -11.36
N LYS A 834 16.07 11.83 -12.32
CA LYS A 834 14.99 11.42 -13.23
C LYS A 834 13.96 10.55 -12.52
N LEU A 835 14.43 9.74 -11.58
CA LEU A 835 13.52 8.89 -10.82
C LEU A 835 12.64 9.75 -9.91
N VAL A 836 13.21 10.78 -9.29
CA VAL A 836 12.42 11.68 -8.48
C VAL A 836 11.41 12.44 -9.36
N GLN A 837 11.87 12.90 -10.52
CA GLN A 837 10.94 13.61 -11.42
C GLN A 837 9.76 12.70 -11.83
N LYS A 838 10.04 11.40 -12.05
CA LYS A 838 8.96 10.52 -12.48
C LYS A 838 8.01 10.13 -11.37
N PHE A 839 8.57 9.82 -10.17
CA PHE A 839 7.77 9.22 -9.12
C PHE A 839 7.45 10.16 -7.94
N GLU A 840 8.23 11.24 -7.79
CA GLU A 840 8.13 12.31 -6.78
C GLU A 840 8.82 12.01 -5.48
N LEU A 841 9.47 13.05 -4.92
CA LEU A 841 10.05 12.94 -3.59
C LEU A 841 8.94 12.71 -2.59
N GLY A 842 9.16 11.77 -1.68
CA GLY A 842 8.18 11.46 -0.66
C GLY A 842 7.22 10.35 -1.03
N SER A 843 7.20 9.97 -2.33
CA SER A 843 6.32 8.91 -2.72
C SER A 843 6.68 7.58 -2.13
N SER A 844 5.70 6.72 -1.98
CA SER A 844 5.95 5.35 -1.56
C SER A 844 6.86 4.64 -2.59
N SER A 845 6.74 4.96 -3.90
CA SER A 845 7.63 4.34 -4.89
C SER A 845 9.09 4.68 -4.59
N ILE A 846 9.41 5.96 -4.36
CA ILE A 846 10.81 6.33 -4.05
C ILE A 846 11.23 5.66 -2.73
N ALA A 847 10.32 5.59 -1.73
CA ALA A 847 10.68 4.94 -0.47
C ALA A 847 11.04 3.49 -0.67
N HIS A 848 10.26 2.79 -1.50
CA HIS A 848 10.55 1.37 -1.76
C HIS A 848 11.85 1.21 -2.55
N MET A 849 12.19 2.15 -3.44
CA MET A 849 13.45 2.04 -4.17
C MET A 849 14.62 2.27 -3.24
N VAL A 850 14.54 3.26 -2.36
CA VAL A 850 15.63 3.54 -1.40
C VAL A 850 15.81 2.33 -0.49
N MET A 851 14.73 1.83 0.13
CA MET A 851 14.87 0.66 1.02
C MET A 851 15.27 -0.56 0.25
N GLY A 852 14.66 -0.79 -0.92
CA GLY A 852 14.88 -2.02 -1.67
C GLY A 852 16.30 -2.25 -2.07
N THR A 853 17.00 -1.15 -2.39
CA THR A 853 18.37 -1.27 -2.86
C THR A 853 19.40 -1.19 -1.76
N THR A 854 19.04 -0.83 -0.51
CA THR A 854 20.05 -0.63 0.51
C THR A 854 19.83 -1.34 1.80
N ASN A 855 18.60 -1.82 2.07
CA ASN A 855 18.33 -2.32 3.41
C ASN A 855 18.80 -3.72 3.73
N GLN A 856 19.57 -4.31 2.81
CA GLN A 856 20.20 -5.59 3.08
C GLN A 856 21.73 -5.44 3.21
N PHE A 857 22.21 -4.18 3.27
CA PHE A 857 23.64 -3.96 3.49
C PHE A 857 23.93 -4.07 4.99
N SER A 858 25.18 -4.45 5.31
CA SER A 858 25.53 -4.68 6.70
C SER A 858 26.99 -4.40 6.95
N THR A 859 27.58 -3.42 6.20
CA THR A 859 28.97 -3.02 6.52
C THR A 859 28.95 -1.51 6.76
N ARG A 860 29.97 -1.06 7.48
CA ARG A 860 30.12 0.36 7.73
C ARG A 860 30.45 1.10 6.42
N THR A 861 31.13 0.46 5.45
CA THR A 861 31.39 1.15 4.20
C THR A 861 30.05 1.39 3.45
N ARG A 862 29.14 0.37 3.43
CA ARG A 862 27.86 0.58 2.74
C ARG A 862 27.04 1.62 3.50
N LEU A 863 27.08 1.63 4.83
CA LEU A 863 26.32 2.64 5.59
C LEU A 863 26.78 4.05 5.21
N GLU A 864 28.12 4.26 5.08
CA GLU A 864 28.57 5.58 4.68
C GLU A 864 28.22 5.91 3.26
N GLU A 865 28.16 4.89 2.35
CA GLU A 865 27.70 5.19 0.99
C GLU A 865 26.31 5.80 1.03
N VAL A 866 25.44 5.19 1.84
CA VAL A 866 24.06 5.68 1.91
C VAL A 866 24.00 7.04 2.57
N LYS A 867 24.69 7.22 3.70
CA LYS A 867 24.65 8.54 4.36
C LYS A 867 25.23 9.61 3.47
N GLY A 868 26.38 9.30 2.87
CA GLY A 868 27.05 10.30 2.03
C GLY A 868 26.26 10.66 0.80
N PHE A 869 25.68 9.63 0.13
CA PHE A 869 24.89 9.92 -1.07
C PHE A 869 23.70 10.81 -0.73
N PHE A 870 22.87 10.36 0.23
CA PHE A 870 21.65 11.11 0.49
C PHE A 870 21.93 12.45 1.10
N SER A 871 22.98 12.58 1.92
CA SER A 871 23.24 13.94 2.50
C SER A 871 23.65 14.91 1.37
N SER A 872 24.28 14.41 0.31
CA SER A 872 24.72 15.26 -0.79
C SER A 872 23.57 15.83 -1.60
N LEU A 873 22.37 15.29 -1.47
CA LEU A 873 21.21 15.76 -2.24
C LEU A 873 20.63 17.05 -1.72
N LYS A 874 20.95 17.42 -0.47
CA LYS A 874 20.40 18.62 0.15
C LYS A 874 18.83 18.66 0.02
N GLU A 875 18.22 19.64 -0.62
CA GLU A 875 16.76 19.71 -0.71
C GLU A 875 16.12 18.63 -1.61
N ASN A 876 16.92 17.96 -2.43
CA ASN A 876 16.38 16.94 -3.34
C ASN A 876 16.44 15.52 -2.74
N GLY A 877 16.24 15.39 -1.42
CA GLY A 877 16.16 14.02 -0.85
C GLY A 877 16.88 13.76 0.46
N SER A 878 17.76 14.67 0.94
CA SER A 878 18.48 14.38 2.18
C SER A 878 17.58 14.18 3.37
N GLN A 879 16.39 14.78 3.35
CA GLN A 879 15.49 14.75 4.49
C GLN A 879 14.36 13.73 4.37
N LEU A 880 14.44 12.81 3.36
CA LEU A 880 13.42 11.77 3.26
C LEU A 880 13.39 10.88 4.44
N ARG A 881 12.17 10.53 4.90
CA ARG A 881 12.06 9.61 6.02
C ARG A 881 12.60 8.24 5.60
N CYS A 882 12.42 7.84 4.34
CA CYS A 882 12.89 6.48 3.96
C CYS A 882 14.42 6.40 4.10
N VAL A 883 15.13 7.50 3.92
CA VAL A 883 16.58 7.51 4.01
C VAL A 883 16.98 7.26 5.46
N GLN A 884 16.30 7.91 6.43
CA GLN A 884 16.63 7.65 7.82
C GLN A 884 16.23 6.23 8.20
N GLN A 885 15.11 5.72 7.65
CA GLN A 885 14.71 4.35 7.94
C GLN A 885 15.76 3.37 7.43
N THR A 886 16.25 3.55 6.18
CA THR A 886 17.24 2.59 5.70
C THR A 886 18.57 2.72 6.43
N ILE A 887 18.96 3.94 6.85
CA ILE A 887 20.19 4.11 7.63
C ILE A 887 20.05 3.31 8.94
N GLU A 888 18.89 3.48 9.64
CA GLU A 888 18.73 2.78 10.91
C GLU A 888 18.65 1.26 10.71
N THR A 889 18.08 0.83 9.57
CA THR A 889 18.02 -0.59 9.26
C THR A 889 19.44 -1.12 9.04
N ILE A 890 20.28 -0.41 8.26
CA ILE A 890 21.64 -0.87 8.05
C ILE A 890 22.44 -0.86 9.33
N GLU A 891 22.19 0.15 10.22
CA GLU A 891 22.90 0.16 11.50
C GLU A 891 22.53 -1.07 12.31
N GLU A 892 21.24 -1.46 12.27
CA GLU A 892 20.83 -2.67 12.96
C GLU A 892 21.44 -3.90 12.33
N ASN A 893 21.48 -3.94 10.99
CA ASN A 893 22.08 -5.12 10.32
C ASN A 893 23.54 -5.28 10.70
N ILE A 894 24.27 -4.15 10.78
CA ILE A 894 25.70 -4.22 11.18
C ILE A 894 25.82 -4.79 12.60
N GLY A 895 25.06 -4.23 13.54
CA GLY A 895 25.14 -4.70 14.91
C GLY A 895 24.68 -6.12 15.07
N TRP A 896 23.59 -6.50 14.38
CA TRP A 896 23.06 -7.85 14.50
C TRP A 896 24.06 -8.86 13.93
N MET A 897 24.63 -8.57 12.78
N MET A 897 24.66 -8.56 12.79
CA MET A 897 25.59 -9.53 12.21
CA MET A 897 25.63 -9.49 12.20
C MET A 897 26.86 -9.59 13.06
C MET A 897 26.87 -9.60 13.07
N ASP A 898 27.34 -8.46 13.61
CA ASP A 898 28.55 -8.53 14.49
C ASP A 898 28.26 -9.38 15.71
N LYS A 899 27.05 -9.26 16.27
CA LYS A 899 26.73 -10.03 17.47
CA LYS A 899 26.71 -10.02 17.47
C LYS A 899 26.46 -11.48 17.18
N ASN A 900 25.76 -11.78 16.07
CA ASN A 900 25.28 -13.11 15.84
C ASN A 900 25.89 -13.96 14.77
N PHE A 901 26.73 -13.42 13.88
CA PHE A 901 27.30 -14.25 12.81
C PHE A 901 28.03 -15.50 13.35
N ASP A 902 28.98 -15.32 14.27
N ASP A 902 28.96 -15.31 14.28
CA ASP A 902 29.72 -16.48 14.78
CA ASP A 902 29.73 -16.43 14.82
C ASP A 902 28.82 -17.42 15.55
C ASP A 902 28.85 -17.40 15.59
N LYS A 903 27.83 -16.88 16.28
CA LYS A 903 26.88 -17.74 17.00
C LYS A 903 26.11 -18.61 16.01
N ILE A 904 25.72 -18.02 14.87
CA ILE A 904 25.00 -18.80 13.84
C ILE A 904 25.92 -19.83 13.21
N ARG A 905 27.18 -19.47 12.94
N ARG A 905 27.19 -19.47 12.96
CA ARG A 905 28.14 -20.42 12.36
CA ARG A 905 28.19 -20.38 12.40
C ARG A 905 28.30 -21.65 13.31
C ARG A 905 28.32 -21.63 13.32
N VAL A 906 28.47 -21.39 14.61
CA VAL A 906 28.64 -22.47 15.57
C VAL A 906 27.36 -23.30 15.66
N TRP A 907 26.18 -22.60 15.72
CA TRP A 907 24.91 -23.31 15.80
C TRP A 907 24.71 -24.23 14.60
N LEU A 908 25.02 -23.76 13.38
CA LEU A 908 24.84 -24.59 12.19
C LEU A 908 25.73 -25.81 12.22
N GLN A 909 26.93 -25.68 12.77
CA GLN A 909 27.85 -26.80 12.85
C GLN A 909 27.39 -27.83 13.86
N SER A 910 26.83 -27.36 15.00
CA SER A 910 26.39 -28.22 16.09
C SER A 910 25.10 -28.97 15.72
#